data_1D12
# 
_entry.id   1D12 
# 
_audit_conform.dict_name       mmcif_pdbx.dic 
_audit_conform.dict_version    5.385 
_audit_conform.dict_location   http://mmcif.pdb.org/dictionaries/ascii/mmcif_pdbx.dic 
# 
loop_
_database_2.database_id 
_database_2.database_code 
_database_2.pdbx_database_accession 
_database_2.pdbx_DOI 
PDB   1D12         pdb_00001d12 10.2210/pdb1d12/pdb 
RCSB  DDF019       ?            ?                   
WWPDB D_1000172617 ?            ?                   
# 
loop_
_pdbx_audit_revision_history.ordinal 
_pdbx_audit_revision_history.data_content_type 
_pdbx_audit_revision_history.major_revision 
_pdbx_audit_revision_history.minor_revision 
_pdbx_audit_revision_history.revision_date 
1 'Structure model' 1 0 1990-10-15 
2 'Structure model' 1 1 2008-05-22 
3 'Structure model' 1 2 2011-07-13 
4 'Structure model' 1 3 2024-02-07 
# 
_pdbx_audit_revision_details.ordinal             1 
_pdbx_audit_revision_details.revision_ordinal    1 
_pdbx_audit_revision_details.data_content_type   'Structure model' 
_pdbx_audit_revision_details.provider            repository 
_pdbx_audit_revision_details.type                'Initial release' 
_pdbx_audit_revision_details.description         ? 
_pdbx_audit_revision_details.details             ? 
# 
loop_
_pdbx_audit_revision_group.ordinal 
_pdbx_audit_revision_group.revision_ordinal 
_pdbx_audit_revision_group.data_content_type 
_pdbx_audit_revision_group.group 
1 2 'Structure model' 'Version format compliance' 
2 3 'Structure model' 'Version format compliance' 
3 4 'Structure model' 'Data collection'           
4 4 'Structure model' 'Database references'       
5 4 'Structure model' 'Derived calculations'      
# 
loop_
_pdbx_audit_revision_category.ordinal 
_pdbx_audit_revision_category.revision_ordinal 
_pdbx_audit_revision_category.data_content_type 
_pdbx_audit_revision_category.category 
1 4 'Structure model' chem_comp_atom 
2 4 'Structure model' chem_comp_bond 
3 4 'Structure model' database_2     
4 4 'Structure model' struct_site    
# 
loop_
_pdbx_audit_revision_item.ordinal 
_pdbx_audit_revision_item.revision_ordinal 
_pdbx_audit_revision_item.data_content_type 
_pdbx_audit_revision_item.item 
1 4 'Structure model' '_database_2.pdbx_DOI'                
2 4 'Structure model' '_database_2.pdbx_database_accession' 
3 4 'Structure model' '_struct_site.pdbx_auth_asym_id'      
4 4 'Structure model' '_struct_site.pdbx_auth_comp_id'      
5 4 'Structure model' '_struct_site.pdbx_auth_seq_id'       
# 
_pdbx_database_status.status_code                     REL 
_pdbx_database_status.entry_id                        1D12 
_pdbx_database_status.recvd_initial_deposition_date   1989-10-20 
_pdbx_database_status.deposit_site                    BNL 
_pdbx_database_status.process_site                    BNL 
_pdbx_database_status.SG_entry                        . 
_pdbx_database_status.pdb_format_compatible           Y 
_pdbx_database_status.status_code_mr                  ? 
_pdbx_database_status.status_code_sf                  ? 
_pdbx_database_status.status_code_cs                  ? 
_pdbx_database_status.status_code_nmr_data            ? 
_pdbx_database_status.methods_development_category    ? 
# 
loop_
_audit_author.name 
_audit_author.pdbx_ordinal 
'Frederick, C.A.'     1 
'Williams, L.D.'      2 
'Ughetto, G.'         3 
'Van Der Marel, G.A.' 4 
'Van Boom, J.H.'      5 
'Rich, A.'            6 
'Wang, A.H.-J.'       7 
# 
_citation.id                        primary 
_citation.title                     'Structural comparison of anticancer drug-DNA complexes: adriamycin and daunomycin.' 
_citation.journal_abbrev            Biochemistry 
_citation.journal_volume            29 
_citation.page_first                2538 
_citation.page_last                 2549 
_citation.year                      1990 
_citation.journal_id_ASTM           BICHAW 
_citation.country                   US 
_citation.journal_id_ISSN           0006-2960 
_citation.journal_id_CSD            0033 
_citation.book_publisher            ? 
_citation.pdbx_database_id_PubMed   2334681 
_citation.pdbx_database_id_DOI      10.1021/bi00462a016 
# 
loop_
_citation_author.citation_id 
_citation_author.name 
_citation_author.ordinal 
_citation_author.identifier_ORCID 
primary 'Frederick, C.A.'     1 ? 
primary 'Williams, L.D.'      2 ? 
primary 'Ughetto, G.'         3 ? 
primary 'van der Marel, G.A.' 4 ? 
primary 'van Boom, J.H.'      5 ? 
primary 'Rich, A.'            6 ? 
primary 'Wang, A.H.'          7 ? 
# 
loop_
_entity.id 
_entity.type 
_entity.src_method 
_entity.pdbx_description 
_entity.formula_weight 
_entity.pdbx_number_of_molecules 
_entity.pdbx_ec 
_entity.pdbx_mutation 
_entity.pdbx_fragment 
_entity.details 
1 polymer     syn 
;DNA (5'-D(*CP*GP*AP*TP*CP*G)-3')
;
1809.217 1  ? ? ? ? 
2 non-polymer syn DOXORUBICIN                        543.519  1  ? ? ? ? 
3 non-polymer syn SPERMINE                           202.340  1  ? ? ? ? 
4 non-polymer syn 'SODIUM ION'                       22.990   1  ? ? ? ? 
5 water       nat water                              18.015   56 ? ? ? ? 
# 
_entity_poly.entity_id                      1 
_entity_poly.type                           polydeoxyribonucleotide 
_entity_poly.nstd_linkage                   no 
_entity_poly.nstd_monomer                   no 
_entity_poly.pdbx_seq_one_letter_code       '(DC)(DG)(DA)(DT)(DC)(DG)' 
_entity_poly.pdbx_seq_one_letter_code_can   CGATCG 
_entity_poly.pdbx_strand_id                 A 
_entity_poly.pdbx_target_identifier         ? 
# 
loop_
_pdbx_entity_nonpoly.entity_id 
_pdbx_entity_nonpoly.name 
_pdbx_entity_nonpoly.comp_id 
2 DOXORUBICIN  DM2 
3 SPERMINE     SPM 
4 'SODIUM ION' NA  
5 water        HOH 
# 
loop_
_entity_poly_seq.entity_id 
_entity_poly_seq.num 
_entity_poly_seq.mon_id 
_entity_poly_seq.hetero 
1 1 DC n 
1 2 DG n 
1 3 DA n 
1 4 DT n 
1 5 DC n 
1 6 DG n 
# 
loop_
_chem_comp.id 
_chem_comp.type 
_chem_comp.mon_nstd_flag 
_chem_comp.name 
_chem_comp.pdbx_synonyms 
_chem_comp.formula 
_chem_comp.formula_weight 
DA  'DNA linking' y "2'-DEOXYADENOSINE-5'-MONOPHOSPHATE" ?          'C10 H14 N5 O6 P' 331.222 
DC  'DNA linking' y "2'-DEOXYCYTIDINE-5'-MONOPHOSPHATE"  ?          'C9 H14 N3 O7 P'  307.197 
DG  'DNA linking' y "2'-DEOXYGUANOSINE-5'-MONOPHOSPHATE" ?          'C10 H14 N5 O7 P' 347.221 
DM2 non-polymer   . DOXORUBICIN                          ADRIAMYCIN 'C27 H29 N O11'   543.519 
DT  'DNA linking' y "THYMIDINE-5'-MONOPHOSPHATE"         ?          'C10 H15 N2 O8 P' 322.208 
HOH non-polymer   . WATER                                ?          'H2 O'            18.015  
NA  non-polymer   . 'SODIUM ION'                         ?          'Na 1'            22.990  
SPM non-polymer   . SPERMINE                             ?          'C10 H26 N4'      202.340 
# 
loop_
_pdbx_poly_seq_scheme.asym_id 
_pdbx_poly_seq_scheme.entity_id 
_pdbx_poly_seq_scheme.seq_id 
_pdbx_poly_seq_scheme.mon_id 
_pdbx_poly_seq_scheme.ndb_seq_num 
_pdbx_poly_seq_scheme.pdb_seq_num 
_pdbx_poly_seq_scheme.auth_seq_num 
_pdbx_poly_seq_scheme.pdb_mon_id 
_pdbx_poly_seq_scheme.auth_mon_id 
_pdbx_poly_seq_scheme.pdb_strand_id 
_pdbx_poly_seq_scheme.pdb_ins_code 
_pdbx_poly_seq_scheme.hetero 
A 1 1 DC 1 1 1 DC C A . n 
A 1 2 DG 2 2 2 DG G A . n 
A 1 3 DA 3 3 3 DA A A . n 
A 1 4 DT 4 4 4 DT T A . n 
A 1 5 DC 5 5 5 DC C A . n 
A 1 6 DG 6 6 6 DG G A . n 
# 
loop_
_pdbx_nonpoly_scheme.asym_id 
_pdbx_nonpoly_scheme.entity_id 
_pdbx_nonpoly_scheme.mon_id 
_pdbx_nonpoly_scheme.ndb_seq_num 
_pdbx_nonpoly_scheme.pdb_seq_num 
_pdbx_nonpoly_scheme.auth_seq_num 
_pdbx_nonpoly_scheme.pdb_mon_id 
_pdbx_nonpoly_scheme.auth_mon_id 
_pdbx_nonpoly_scheme.pdb_strand_id 
_pdbx_nonpoly_scheme.pdb_ins_code 
B 2 DM2 1  7  7  DM2 DM2 A . 
C 3 SPM 1  8  8  SPM SPM A . 
D 4 NA  1  9  9  NA  NA  A . 
E 5 HOH 1  10 10 HOH HOH A . 
E 5 HOH 2  11 11 HOH HOH A . 
E 5 HOH 3  12 12 HOH HOH A . 
E 5 HOH 4  13 13 HOH HOH A . 
E 5 HOH 5  14 14 HOH HOH A . 
E 5 HOH 6  15 15 HOH HOH A . 
E 5 HOH 7  16 16 HOH HOH A . 
E 5 HOH 8  17 17 HOH HOH A . 
E 5 HOH 9  18 18 HOH HOH A . 
E 5 HOH 10 19 19 HOH HOH A . 
E 5 HOH 11 20 20 HOH HOH A . 
E 5 HOH 12 21 21 HOH HOH A . 
E 5 HOH 13 22 22 HOH HOH A . 
E 5 HOH 14 23 23 HOH HOH A . 
E 5 HOH 15 24 24 HOH HOH A . 
E 5 HOH 16 25 25 HOH HOH A . 
E 5 HOH 17 26 26 HOH HOH A . 
E 5 HOH 18 27 27 HOH HOH A . 
E 5 HOH 19 28 28 HOH HOH A . 
E 5 HOH 20 29 29 HOH HOH A . 
E 5 HOH 21 30 30 HOH HOH A . 
E 5 HOH 22 31 31 HOH HOH A . 
E 5 HOH 23 32 32 HOH HOH A . 
E 5 HOH 24 33 33 HOH HOH A . 
E 5 HOH 25 34 34 HOH HOH A . 
E 5 HOH 26 35 35 HOH HOH A . 
E 5 HOH 27 36 36 HOH HOH A . 
E 5 HOH 28 37 37 HOH HOH A . 
E 5 HOH 29 38 38 HOH HOH A . 
E 5 HOH 30 39 39 HOH HOH A . 
E 5 HOH 31 40 40 HOH HOH A . 
E 5 HOH 32 41 41 HOH HOH A . 
E 5 HOH 33 42 42 HOH HOH A . 
E 5 HOH 34 43 43 HOH HOH A . 
E 5 HOH 35 44 44 HOH HOH A . 
E 5 HOH 36 45 45 HOH HOH A . 
E 5 HOH 37 46 46 HOH HOH A . 
E 5 HOH 38 47 47 HOH HOH A . 
E 5 HOH 39 48 48 HOH HOH A . 
E 5 HOH 40 49 49 HOH HOH A . 
E 5 HOH 41 50 50 HOH HOH A . 
E 5 HOH 42 51 51 HOH HOH A . 
E 5 HOH 43 52 52 HOH HOH A . 
E 5 HOH 44 53 53 HOH HOH A . 
E 5 HOH 45 54 54 HOH HOH A . 
E 5 HOH 46 55 55 HOH HOH A . 
E 5 HOH 47 56 56 HOH HOH A . 
E 5 HOH 48 57 57 HOH HOH A . 
E 5 HOH 49 58 58 HOH HOH A . 
E 5 HOH 50 59 59 HOH HOH A . 
E 5 HOH 51 60 60 HOH HOH A . 
E 5 HOH 52 61 61 HOH HOH A . 
E 5 HOH 53 62 62 HOH HOH A . 
E 5 HOH 54 63 63 HOH HOH A . 
E 5 HOH 55 64 64 HOH HOH A . 
E 5 HOH 56 65 65 HOH HOH A . 
# 
_software.name             NUCLSQ 
_software.classification   refinement 
_software.version          . 
_software.citation_id      ? 
_software.pdbx_ordinal     1 
# 
_cell.entry_id           1D12 
_cell.length_a           28.210 
_cell.length_b           28.210 
_cell.length_c           53.190 
_cell.angle_alpha        90.00 
_cell.angle_beta         90.00 
_cell.angle_gamma        90.00 
_cell.Z_PDB              8 
_cell.pdbx_unique_axis   ? 
# 
_symmetry.entry_id                         1D12 
_symmetry.space_group_name_H-M             'P 41 21 2' 
_symmetry.pdbx_full_space_group_name_H-M   ? 
_symmetry.cell_setting                     ? 
_symmetry.Int_Tables_number                92 
# 
_exptl.entry_id          1D12 
_exptl.method            'X-RAY DIFFRACTION' 
_exptl.crystals_number   ? 
# 
_exptl_crystal.id                    1 
_exptl_crystal.density_meas          ? 
_exptl_crystal.density_Matthews      2.92 
_exptl_crystal.density_percent_sol   57.94 
_exptl_crystal.description           ? 
# 
_exptl_crystal_grow.crystal_id      1 
_exptl_crystal_grow.method          'VAPOR DIFFUSION' 
_exptl_crystal_grow.temp            ? 
_exptl_crystal_grow.temp_details    'ROOM TEMPERATURE' 
_exptl_crystal_grow.pH              ? 
_exptl_crystal_grow.pdbx_details    'VAPOR DIFFUSION' 
_exptl_crystal_grow.pdbx_pH_range   ? 
# 
loop_
_exptl_crystal_grow_comp.crystal_id 
_exptl_crystal_grow_comp.id 
_exptl_crystal_grow_comp.sol_id 
_exptl_crystal_grow_comp.name 
_exptl_crystal_grow_comp.volume 
_exptl_crystal_grow_comp.conc 
_exptl_crystal_grow_comp.details 
1 1 1 WATER           ? ? ? 
1 2 1 MPD             ? ? ? 
1 3 1 'NA CACODYLATE' ? ? ? 
1 4 1 MGCL2           ? ? ? 
1 5 1 SPERMINE        ? ? ? 
# 
_diffrn.id                     1 
_diffrn.ambient_temp           288.00 
_diffrn.ambient_temp_details   ? 
_diffrn.crystal_id             1 
# 
_diffrn_detector.diffrn_id              1 
_diffrn_detector.detector               DIFFRACTOMETER 
_diffrn_detector.type                   ? 
_diffrn_detector.pdbx_collection_date   ? 
_diffrn_detector.details                ? 
# 
_diffrn_radiation.diffrn_id                        1 
_diffrn_radiation.wavelength_id                    1 
_diffrn_radiation.pdbx_monochromatic_or_laue_m_l   ? 
_diffrn_radiation.monochromator                    ? 
_diffrn_radiation.pdbx_diffrn_protocol             ? 
_diffrn_radiation.pdbx_scattering_type             x-ray 
# 
_diffrn_radiation_wavelength.id           1 
_diffrn_radiation_wavelength.wavelength   . 
_diffrn_radiation_wavelength.wt           1.0 
# 
_diffrn_source.diffrn_id                   1 
_diffrn_source.source                      ? 
_diffrn_source.type                        ? 
_diffrn_source.pdbx_synchrotron_site       ? 
_diffrn_source.pdbx_synchrotron_beamline   ? 
_diffrn_source.pdbx_wavelength             ? 
_diffrn_source.pdbx_wavelength_list        ? 
# 
_reflns.entry_id                     1D12 
_reflns.observed_criterion_sigma_I   ? 
_reflns.observed_criterion_sigma_F   2.000 
_reflns.d_resolution_low             ? 
_reflns.d_resolution_high            1.700 
_reflns.number_obs                   ? 
_reflns.number_all                   ? 
_reflns.percent_possible_obs         ? 
_reflns.pdbx_Rmerge_I_obs            ? 
_reflns.pdbx_Rsym_value              ? 
_reflns.pdbx_netI_over_sigmaI        ? 
_reflns.B_iso_Wilson_estimate        ? 
_reflns.pdbx_redundancy              ? 
_reflns.pdbx_diffrn_id               1 
_reflns.pdbx_ordinal                 1 
# 
_refine.entry_id                                 1D12 
_refine.ls_number_reflns_obs                     1706 
_refine.ls_number_reflns_all                     ? 
_refine.pdbx_ls_sigma_I                          ? 
_refine.pdbx_ls_sigma_F                          2.000 
_refine.pdbx_data_cutoff_high_absF               ? 
_refine.pdbx_data_cutoff_low_absF                ? 
_refine.pdbx_data_cutoff_high_rms_absF           ? 
_refine.ls_d_res_low                             10.000 
_refine.ls_d_res_high                            1.700 
_refine.ls_percent_reflns_obs                    ? 
_refine.ls_R_factor_obs                          0.1770000 
_refine.ls_R_factor_all                          ? 
_refine.ls_R_factor_R_work                       ? 
_refine.ls_R_factor_R_free                       ? 
_refine.ls_R_factor_R_free_error                 ? 
_refine.ls_R_factor_R_free_error_details         ? 
_refine.ls_percent_reflns_R_free                 ? 
_refine.ls_number_reflns_R_free                  ? 
_refine.ls_number_parameters                     ? 
_refine.ls_number_restraints                     ? 
_refine.occupancy_min                            ? 
_refine.occupancy_max                            ? 
_refine.B_iso_mean                               ? 
_refine.aniso_B[1][1]                            ? 
_refine.aniso_B[2][2]                            ? 
_refine.aniso_B[3][3]                            ? 
_refine.aniso_B[1][2]                            ? 
_refine.aniso_B[1][3]                            ? 
_refine.aniso_B[2][3]                            ? 
_refine.solvent_model_details                    ? 
_refine.solvent_model_param_ksol                 ? 
_refine.solvent_model_param_bsol                 ? 
_refine.pdbx_ls_cross_valid_method               ? 
_refine.details                                  ? 
_refine.pdbx_starting_model                      ? 
_refine.pdbx_method_to_determine_struct          ? 
_refine.pdbx_isotropic_thermal_model             ? 
_refine.pdbx_stereochemistry_target_values       ? 
_refine.pdbx_stereochem_target_val_spec_case     ? 
_refine.pdbx_R_Free_selection_details            ? 
_refine.pdbx_overall_ESU_R                       ? 
_refine.pdbx_overall_ESU_R_Free                  ? 
_refine.overall_SU_ML                            ? 
_refine.overall_SU_B                             ? 
_refine.pdbx_refine_id                           'X-RAY DIFFRACTION' 
_refine.pdbx_diffrn_id                           1 
_refine.pdbx_TLS_residual_ADP_flag               ? 
_refine.correlation_coeff_Fo_to_Fc               ? 
_refine.correlation_coeff_Fo_to_Fc_free          ? 
_refine.pdbx_solvent_vdw_probe_radii             ? 
_refine.pdbx_solvent_ion_probe_radii             ? 
_refine.pdbx_solvent_shrinkage_radii             ? 
_refine.pdbx_overall_phase_error                 ? 
_refine.overall_SU_R_Cruickshank_DPI             ? 
_refine.pdbx_overall_SU_R_free_Cruickshank_DPI   ? 
_refine.pdbx_overall_SU_R_Blow_DPI               ? 
_refine.pdbx_overall_SU_R_free_Blow_DPI          ? 
# 
_refine_hist.pdbx_refine_id                   'X-RAY DIFFRACTION' 
_refine_hist.cycle_id                         LAST 
_refine_hist.pdbx_number_atoms_protein        0 
_refine_hist.pdbx_number_atoms_nucleic_acid   120 
_refine_hist.pdbx_number_atoms_ligand         54 
_refine_hist.number_atoms_solvent             56 
_refine_hist.number_atoms_total               230 
_refine_hist.d_res_high                       1.700 
_refine_hist.d_res_low                        10.000 
# 
_struct.entry_id                  1D12 
_struct.title                     'STRUCTURAL COMPARISON OF ANTICANCER DRUG-DNA COMPLEXES. ADRIAMYCIN AND DAUNOMYCIN' 
_struct.pdbx_model_details        ? 
_struct.pdbx_CASP_flag            ? 
_struct.pdbx_model_type_details   ? 
# 
_struct_keywords.entry_id        1D12 
_struct_keywords.pdbx_keywords   DNA 
_struct_keywords.text            'RIGHT HANDED DNA, DOUBLE HELIX, COMPLEXED WITH DRUG, DNA' 
# 
loop_
_struct_asym.id 
_struct_asym.pdbx_blank_PDB_chainid_flag 
_struct_asym.pdbx_modified 
_struct_asym.entity_id 
_struct_asym.details 
A N N 1 ? 
B N N 2 ? 
C N N 3 ? 
D N N 4 ? 
E N N 5 ? 
# 
_struct_ref.id                         1 
_struct_ref.entity_id                  1 
_struct_ref.db_name                    PDB 
_struct_ref.db_code                    1D12 
_struct_ref.pdbx_db_accession          1D12 
_struct_ref.pdbx_db_isoform            ? 
_struct_ref.pdbx_seq_one_letter_code   ? 
_struct_ref.pdbx_align_begin           ? 
# 
_struct_ref_seq.align_id                      1 
_struct_ref_seq.ref_id                        1 
_struct_ref_seq.pdbx_PDB_id_code              1D12 
_struct_ref_seq.pdbx_strand_id                A 
_struct_ref_seq.seq_align_beg                 1 
_struct_ref_seq.pdbx_seq_align_beg_ins_code   ? 
_struct_ref_seq.seq_align_end                 6 
_struct_ref_seq.pdbx_seq_align_end_ins_code   ? 
_struct_ref_seq.pdbx_db_accession             1D12 
_struct_ref_seq.db_align_beg                  1 
_struct_ref_seq.pdbx_db_align_beg_ins_code    ? 
_struct_ref_seq.db_align_end                  6 
_struct_ref_seq.pdbx_db_align_end_ins_code    ? 
_struct_ref_seq.pdbx_auth_seq_align_beg       1 
_struct_ref_seq.pdbx_auth_seq_align_end       6 
# 
_pdbx_struct_assembly.id                   1 
_pdbx_struct_assembly.details              author_defined_assembly 
_pdbx_struct_assembly.method_details       ? 
_pdbx_struct_assembly.oligomeric_details   dimeric 
_pdbx_struct_assembly.oligomeric_count     2 
# 
_pdbx_struct_assembly_gen.assembly_id       1 
_pdbx_struct_assembly_gen.oper_expression   1,2 
_pdbx_struct_assembly_gen.asym_id_list      A,B,C,D,E 
# 
loop_
_pdbx_struct_oper_list.id 
_pdbx_struct_oper_list.type 
_pdbx_struct_oper_list.name 
_pdbx_struct_oper_list.symmetry_operation 
_pdbx_struct_oper_list.matrix[1][1] 
_pdbx_struct_oper_list.matrix[1][2] 
_pdbx_struct_oper_list.matrix[1][3] 
_pdbx_struct_oper_list.vector[1] 
_pdbx_struct_oper_list.matrix[2][1] 
_pdbx_struct_oper_list.matrix[2][2] 
_pdbx_struct_oper_list.matrix[2][3] 
_pdbx_struct_oper_list.vector[2] 
_pdbx_struct_oper_list.matrix[3][1] 
_pdbx_struct_oper_list.matrix[3][2] 
_pdbx_struct_oper_list.matrix[3][3] 
_pdbx_struct_oper_list.vector[3] 
1 'identity operation'         1_555 x,y,z            1.0000000000  0.0000000000 0.0000000000  0.0000000000  0.0000000000 1.0000000000  0.0000000000  0.0000000000  0.0000000000  0.0000000000  1.0000000000  0.0000000000  
2 'crystal symmetry operation' 8_665 -y+1,-x+1,-z+1/2 -0.0044144971 0.8919943262 -0.4520250372 -1.1368521546 0.8919943262 -0.2008181360 -0.4049916027 -1.7073253512 -0.4520250372 -0.4049916027 -0.7947673669 -5.8730331996 
# 
_struct_biol.id   1 
# 
loop_
_struct_conn.id 
_struct_conn.conn_type_id 
_struct_conn.pdbx_leaving_atom_flag 
_struct_conn.pdbx_PDB_id 
_struct_conn.ptnr1_label_asym_id 
_struct_conn.ptnr1_label_comp_id 
_struct_conn.ptnr1_label_seq_id 
_struct_conn.ptnr1_label_atom_id 
_struct_conn.pdbx_ptnr1_label_alt_id 
_struct_conn.pdbx_ptnr1_PDB_ins_code 
_struct_conn.pdbx_ptnr1_standard_comp_id 
_struct_conn.ptnr1_symmetry 
_struct_conn.ptnr2_label_asym_id 
_struct_conn.ptnr2_label_comp_id 
_struct_conn.ptnr2_label_seq_id 
_struct_conn.ptnr2_label_atom_id 
_struct_conn.pdbx_ptnr2_label_alt_id 
_struct_conn.pdbx_ptnr2_PDB_ins_code 
_struct_conn.ptnr1_auth_asym_id 
_struct_conn.ptnr1_auth_comp_id 
_struct_conn.ptnr1_auth_seq_id 
_struct_conn.ptnr2_auth_asym_id 
_struct_conn.ptnr2_auth_comp_id 
_struct_conn.ptnr2_auth_seq_id 
_struct_conn.ptnr2_symmetry 
_struct_conn.pdbx_ptnr3_label_atom_id 
_struct_conn.pdbx_ptnr3_label_seq_id 
_struct_conn.pdbx_ptnr3_label_comp_id 
_struct_conn.pdbx_ptnr3_label_asym_id 
_struct_conn.pdbx_ptnr3_label_alt_id 
_struct_conn.pdbx_ptnr3_PDB_ins_code 
_struct_conn.details 
_struct_conn.pdbx_dist_value 
_struct_conn.pdbx_value_order 
_struct_conn.pdbx_role 
metalc1  metalc ? ? A DG 6 N7 ? ? ? 1_555 D NA  . NA ? ? A DG 6 A NA  9  1_555 ? ? ? ? ? ? ?            2.781 ? ? 
metalc2  metalc ? ? D NA . NA ? ? ? 1_555 E HOH . O  ? ? A NA 9 A HOH 11 1_555 ? ? ? ? ? ? ?            2.822 ? ? 
hydrog1  hydrog ? ? A DC 1 N3 ? ? ? 1_555 A DG  6 N1 ? ? A DC 1 A DG  6  8_665 ? ? ? ? ? ? WATSON-CRICK ?     ? ? 
hydrog2  hydrog ? ? A DC 1 N4 ? ? ? 1_555 A DG  6 O6 ? ? A DC 1 A DG  6  8_665 ? ? ? ? ? ? WATSON-CRICK ?     ? ? 
hydrog3  hydrog ? ? A DC 1 O2 ? ? ? 1_555 A DG  6 N2 ? ? A DC 1 A DG  6  8_665 ? ? ? ? ? ? WATSON-CRICK ?     ? ? 
hydrog4  hydrog ? ? A DG 2 N1 ? ? ? 1_555 A DC  5 N3 ? ? A DG 2 A DC  5  8_665 ? ? ? ? ? ? WATSON-CRICK ?     ? ? 
hydrog5  hydrog ? ? A DG 2 N2 ? ? ? 1_555 A DC  5 O2 ? ? A DG 2 A DC  5  8_665 ? ? ? ? ? ? WATSON-CRICK ?     ? ? 
hydrog6  hydrog ? ? A DG 2 O6 ? ? ? 1_555 A DC  5 N4 ? ? A DG 2 A DC  5  8_665 ? ? ? ? ? ? WATSON-CRICK ?     ? ? 
hydrog7  hydrog ? ? A DA 3 N1 ? ? ? 1_555 A DT  4 N3 ? ? A DA 3 A DT  4  8_665 ? ? ? ? ? ? WATSON-CRICK ?     ? ? 
hydrog8  hydrog ? ? A DA 3 N6 ? ? ? 1_555 A DT  4 O4 ? ? A DA 3 A DT  4  8_665 ? ? ? ? ? ? WATSON-CRICK ?     ? ? 
hydrog9  hydrog ? ? A DT 4 N3 ? ? ? 1_555 A DA  3 N1 ? ? A DT 4 A DA  3  8_665 ? ? ? ? ? ? WATSON-CRICK ?     ? ? 
hydrog10 hydrog ? ? A DT 4 O4 ? ? ? 1_555 A DA  3 N6 ? ? A DT 4 A DA  3  8_665 ? ? ? ? ? ? WATSON-CRICK ?     ? ? 
hydrog11 hydrog ? ? A DC 5 N3 ? ? ? 1_555 A DG  2 N1 ? ? A DC 5 A DG  2  8_665 ? ? ? ? ? ? WATSON-CRICK ?     ? ? 
hydrog12 hydrog ? ? A DC 5 N4 ? ? ? 1_555 A DG  2 O6 ? ? A DC 5 A DG  2  8_665 ? ? ? ? ? ? WATSON-CRICK ?     ? ? 
hydrog13 hydrog ? ? A DC 5 O2 ? ? ? 1_555 A DG  2 N2 ? ? A DC 5 A DG  2  8_665 ? ? ? ? ? ? WATSON-CRICK ?     ? ? 
hydrog14 hydrog ? ? A DG 6 N1 ? ? ? 1_555 A DC  1 N3 ? ? A DG 6 A DC  1  8_665 ? ? ? ? ? ? WATSON-CRICK ?     ? ? 
hydrog15 hydrog ? ? A DG 6 N2 ? ? ? 1_555 A DC  1 O2 ? ? A DG 6 A DC  1  8_665 ? ? ? ? ? ? WATSON-CRICK ?     ? ? 
hydrog16 hydrog ? ? A DG 6 O6 ? ? ? 1_555 A DC  1 N4 ? ? A DG 6 A DC  1  8_665 ? ? ? ? ? ? WATSON-CRICK ?     ? ? 
# 
loop_
_struct_conn_type.id 
_struct_conn_type.criteria 
_struct_conn_type.reference 
metalc ? ? 
hydrog ? ? 
# 
_pdbx_struct_conn_angle.id                    1 
_pdbx_struct_conn_angle.ptnr1_label_atom_id   N7 
_pdbx_struct_conn_angle.ptnr1_label_alt_id    ? 
_pdbx_struct_conn_angle.ptnr1_label_asym_id   A 
_pdbx_struct_conn_angle.ptnr1_label_comp_id   DG 
_pdbx_struct_conn_angle.ptnr1_label_seq_id    6 
_pdbx_struct_conn_angle.ptnr1_auth_atom_id    ? 
_pdbx_struct_conn_angle.ptnr1_auth_asym_id    A 
_pdbx_struct_conn_angle.ptnr1_auth_comp_id    DG 
_pdbx_struct_conn_angle.ptnr1_auth_seq_id     6 
_pdbx_struct_conn_angle.ptnr1_PDB_ins_code    ? 
_pdbx_struct_conn_angle.ptnr1_symmetry        1_555 
_pdbx_struct_conn_angle.ptnr2_label_atom_id   NA 
_pdbx_struct_conn_angle.ptnr2_label_alt_id    ? 
_pdbx_struct_conn_angle.ptnr2_label_asym_id   D 
_pdbx_struct_conn_angle.ptnr2_label_comp_id   NA 
_pdbx_struct_conn_angle.ptnr2_label_seq_id    . 
_pdbx_struct_conn_angle.ptnr2_auth_atom_id    ? 
_pdbx_struct_conn_angle.ptnr2_auth_asym_id    A 
_pdbx_struct_conn_angle.ptnr2_auth_comp_id    NA 
_pdbx_struct_conn_angle.ptnr2_auth_seq_id     9 
_pdbx_struct_conn_angle.ptnr2_PDB_ins_code    ? 
_pdbx_struct_conn_angle.ptnr2_symmetry        1_555 
_pdbx_struct_conn_angle.ptnr3_label_atom_id   O 
_pdbx_struct_conn_angle.ptnr3_label_alt_id    ? 
_pdbx_struct_conn_angle.ptnr3_label_asym_id   E 
_pdbx_struct_conn_angle.ptnr3_label_comp_id   HOH 
_pdbx_struct_conn_angle.ptnr3_label_seq_id    . 
_pdbx_struct_conn_angle.ptnr3_auth_atom_id    ? 
_pdbx_struct_conn_angle.ptnr3_auth_asym_id    A 
_pdbx_struct_conn_angle.ptnr3_auth_comp_id    HOH 
_pdbx_struct_conn_angle.ptnr3_auth_seq_id     11 
_pdbx_struct_conn_angle.ptnr3_PDB_ins_code    ? 
_pdbx_struct_conn_angle.ptnr3_symmetry        1_555 
_pdbx_struct_conn_angle.value                 93.4 
_pdbx_struct_conn_angle.value_esd             ? 
# 
loop_
_struct_site.id 
_struct_site.pdbx_evidence_code 
_struct_site.pdbx_auth_asym_id 
_struct_site.pdbx_auth_comp_id 
_struct_site.pdbx_auth_seq_id 
_struct_site.pdbx_auth_ins_code 
_struct_site.pdbx_num_residues 
_struct_site.details 
AC1 Software A DM2 7 ? 12 'BINDING SITE FOR RESIDUE DM2 A 7' 
AC2 Software A SPM 8 ? 12 'BINDING SITE FOR RESIDUE SPM A 8' 
AC3 Software A NA  9 ? 5  'BINDING SITE FOR RESIDUE NA A 9'  
1   ?        ? ?   ? ? ?  ?                                  
# 
loop_
_struct_site_gen.id 
_struct_site_gen.site_id 
_struct_site_gen.pdbx_num_res 
_struct_site_gen.label_comp_id 
_struct_site_gen.label_asym_id 
_struct_site_gen.label_seq_id 
_struct_site_gen.pdbx_auth_ins_code 
_struct_site_gen.auth_comp_id 
_struct_site_gen.auth_asym_id 
_struct_site_gen.auth_seq_id 
_struct_site_gen.label_atom_id 
_struct_site_gen.label_alt_id 
_struct_site_gen.symmetry 
_struct_site_gen.details 
1  AC1 12 DC  A 1 ? DC  A 1  . ? 8_665 ? 
2  AC1 12 DG  A 2 ? DG  A 2  . ? 8_665 ? 
3  AC1 12 DA  A 3 ? DA  A 3  . ? 8_665 ? 
4  AC1 12 DT  A 4 ? DT  A 4  . ? 1_555 ? 
5  AC1 12 DC  A 5 ? DC  A 5  . ? 1_555 ? 
6  AC1 12 DG  A 6 ? DG  A 6  . ? 1_555 ? 
7  AC1 12 SPM C . ? SPM A 8  . ? 1_555 ? 
8  AC1 12 NA  D . ? NA  A 9  . ? 1_555 ? 
9  AC1 12 HOH E . ? HOH A 22 . ? 1_555 ? 
10 AC1 12 HOH E . ? HOH A 26 . ? 1_555 ? 
11 AC1 12 HOH E . ? HOH A 41 . ? 1_555 ? 
12 AC1 12 HOH E . ? HOH A 43 . ? 1_555 ? 
13 AC2 12 DG  A 2 ? DG  A 2  . ? 8_665 ? 
14 AC2 12 DT  A 4 ? DT  A 4  . ? 1_555 ? 
15 AC2 12 DC  A 5 ? DC  A 5  . ? 1_555 ? 
16 AC2 12 DM2 B . ? DM2 A 7  . ? 1_555 ? 
17 AC2 12 HOH E . ? HOH A 14 . ? 1_555 ? 
18 AC2 12 HOH E . ? HOH A 15 . ? 1_555 ? 
19 AC2 12 HOH E . ? HOH A 17 . ? 5_655 ? 
20 AC2 12 HOH E . ? HOH A 27 . ? 8_665 ? 
21 AC2 12 HOH E . ? HOH A 32 . ? 1_555 ? 
22 AC2 12 HOH E . ? HOH A 39 . ? 5_555 ? 
23 AC2 12 HOH E . ? HOH A 48 . ? 1_555 ? 
24 AC2 12 HOH E . ? HOH A 61 . ? 5_655 ? 
25 AC3 5  DG  A 6 ? DG  A 6  . ? 1_555 ? 
26 AC3 5  DM2 B . ? DM2 A 7  . ? 1_555 ? 
27 AC3 5  HOH E . ? HOH A 10 . ? 1_555 ? 
28 AC3 5  HOH E . ? HOH A 11 . ? 1_555 ? 
29 AC3 5  HOH E . ? HOH A 12 . ? 1_555 ? 
# 
_pdbx_validate_symm_contact.id                1 
_pdbx_validate_symm_contact.PDB_model_num     1 
_pdbx_validate_symm_contact.auth_atom_id_1    O 
_pdbx_validate_symm_contact.auth_asym_id_1    A 
_pdbx_validate_symm_contact.auth_comp_id_1    HOH 
_pdbx_validate_symm_contact.auth_seq_id_1     45 
_pdbx_validate_symm_contact.PDB_ins_code_1    ? 
_pdbx_validate_symm_contact.label_alt_id_1    ? 
_pdbx_validate_symm_contact.site_symmetry_1   1_555 
_pdbx_validate_symm_contact.auth_atom_id_2    O 
_pdbx_validate_symm_contact.auth_asym_id_2    A 
_pdbx_validate_symm_contact.auth_comp_id_2    HOH 
_pdbx_validate_symm_contact.auth_seq_id_2     46 
_pdbx_validate_symm_contact.PDB_ins_code_2    ? 
_pdbx_validate_symm_contact.label_alt_id_2    ? 
_pdbx_validate_symm_contact.site_symmetry_2   2_664 
_pdbx_validate_symm_contact.dist              2.11 
# 
loop_
_pdbx_validate_rmsd_bond.id 
_pdbx_validate_rmsd_bond.PDB_model_num 
_pdbx_validate_rmsd_bond.auth_atom_id_1 
_pdbx_validate_rmsd_bond.auth_asym_id_1 
_pdbx_validate_rmsd_bond.auth_comp_id_1 
_pdbx_validate_rmsd_bond.auth_seq_id_1 
_pdbx_validate_rmsd_bond.PDB_ins_code_1 
_pdbx_validate_rmsd_bond.label_alt_id_1 
_pdbx_validate_rmsd_bond.auth_atom_id_2 
_pdbx_validate_rmsd_bond.auth_asym_id_2 
_pdbx_validate_rmsd_bond.auth_comp_id_2 
_pdbx_validate_rmsd_bond.auth_seq_id_2 
_pdbx_validate_rmsd_bond.PDB_ins_code_2 
_pdbx_validate_rmsd_bond.label_alt_id_2 
_pdbx_validate_rmsd_bond.bond_value 
_pdbx_validate_rmsd_bond.bond_target_value 
_pdbx_validate_rmsd_bond.bond_deviation 
_pdbx_validate_rmsd_bond.bond_standard_deviation 
_pdbx_validate_rmsd_bond.linker_flag 
1  1 "C2'" A DC 1 ? ? "C1'" A DC 1 ? ? 1.601 1.519 0.082  0.010 N 
2  1 "O3'" A DC 1 ? ? "C3'" A DC 1 ? ? 1.364 1.419 -0.055 0.006 N 
3  1 P     A DG 2 ? ? OP2   A DG 2 ? ? 1.368 1.485 -0.117 0.017 N 
4  1 "C5'" A DG 2 ? ? "C4'" A DG 2 ? ? 1.572 1.512 0.060  0.007 N 
5  1 "C1'" A DG 2 ? ? N9    A DG 2 ? ? 1.374 1.468 -0.094 0.014 N 
6  1 C6    A DG 2 ? ? N1    A DG 2 ? ? 1.331 1.391 -0.060 0.007 N 
7  1 C8    A DG 2 ? ? N9    A DG 2 ? ? 1.309 1.374 -0.065 0.007 N 
8  1 C2    A DG 2 ? ? N2    A DG 2 ? ? 1.259 1.341 -0.082 0.010 N 
9  1 "C5'" A DT 4 ? ? "C4'" A DT 4 ? ? 1.563 1.512 0.051  0.007 N 
10 1 "O4'" A DT 4 ? ? "C1'" A DT 4 ? ? 1.513 1.420 0.093  0.011 N 
11 1 P     A DC 5 ? ? "O5'" A DC 5 ? ? 1.680 1.593 0.087  0.010 N 
12 1 "C2'" A DC 5 ? ? "C1'" A DC 5 ? ? 1.582 1.519 0.063  0.010 N 
13 1 "O4'" A DC 5 ? ? "C1'" A DC 5 ? ? 1.303 1.418 -0.115 0.012 N 
14 1 "O3'" A DC 5 ? ? "C3'" A DC 5 ? ? 1.367 1.419 -0.052 0.006 N 
15 1 "C5'" A DG 6 ? ? "C4'" A DG 6 ? ? 1.587 1.512 0.075  0.007 N 
16 1 C6    A DG 6 ? ? N1    A DG 6 ? ? 1.343 1.391 -0.048 0.007 N 
17 1 C2    A DG 6 ? ? N2    A DG 6 ? ? 1.211 1.341 -0.130 0.010 N 
# 
loop_
_pdbx_validate_rmsd_angle.id 
_pdbx_validate_rmsd_angle.PDB_model_num 
_pdbx_validate_rmsd_angle.auth_atom_id_1 
_pdbx_validate_rmsd_angle.auth_asym_id_1 
_pdbx_validate_rmsd_angle.auth_comp_id_1 
_pdbx_validate_rmsd_angle.auth_seq_id_1 
_pdbx_validate_rmsd_angle.PDB_ins_code_1 
_pdbx_validate_rmsd_angle.label_alt_id_1 
_pdbx_validate_rmsd_angle.auth_atom_id_2 
_pdbx_validate_rmsd_angle.auth_asym_id_2 
_pdbx_validate_rmsd_angle.auth_comp_id_2 
_pdbx_validate_rmsd_angle.auth_seq_id_2 
_pdbx_validate_rmsd_angle.PDB_ins_code_2 
_pdbx_validate_rmsd_angle.label_alt_id_2 
_pdbx_validate_rmsd_angle.auth_atom_id_3 
_pdbx_validate_rmsd_angle.auth_asym_id_3 
_pdbx_validate_rmsd_angle.auth_comp_id_3 
_pdbx_validate_rmsd_angle.auth_seq_id_3 
_pdbx_validate_rmsd_angle.PDB_ins_code_3 
_pdbx_validate_rmsd_angle.label_alt_id_3 
_pdbx_validate_rmsd_angle.angle_value 
_pdbx_validate_rmsd_angle.angle_target_value 
_pdbx_validate_rmsd_angle.angle_deviation 
_pdbx_validate_rmsd_angle.angle_standard_deviation 
_pdbx_validate_rmsd_angle.linker_flag 
1  1 "C1'" A DC 1 ? ? "O4'" A DC 1 ? ? "C4'" A DC 1 ? ? 117.02 110.30 6.72   0.70 N 
2  1 "O4'" A DC 1 ? ? "C1'" A DC 1 ? ? N1    A DC 1 ? ? 112.14 108.30 3.84   0.30 N 
3  1 N1    A DC 1 ? ? C2    A DC 1 ? ? N3    A DC 1 ? ? 114.85 119.20 -4.35  0.70 N 
4  1 C2    A DC 1 ? ? N3    A DC 1 ? ? C4    A DC 1 ? ? 128.48 119.90 8.58   0.50 N 
5  1 N3    A DC 1 ? ? C4    A DC 1 ? ? C5    A DC 1 ? ? 113.85 121.90 -8.05  0.40 N 
6  1 C5    A DC 1 ? ? C6    A DC 1 ? ? N1    A DC 1 ? ? 124.31 121.00 3.31   0.50 N 
7  1 N1    A DC 1 ? ? C2    A DC 1 ? ? O2    A DC 1 ? ? 123.08 118.90 4.18   0.60 N 
8  1 C5    A DC 1 ? ? C4    A DC 1 ? ? N4    A DC 1 ? ? 125.22 120.20 5.02   0.70 N 
9  1 OP1   A DG 2 ? ? P     A DG 2 ? ? OP2   A DG 2 ? ? 132.82 119.60 13.22  1.50 N 
10 1 "O5'" A DG 2 ? ? "C5'" A DG 2 ? ? "C4'" A DG 2 ? ? 101.62 109.40 -7.78  0.80 N 
11 1 "C3'" A DG 2 ? ? "C2'" A DG 2 ? ? "C1'" A DG 2 ? ? 97.05  102.40 -5.35  0.80 N 
12 1 "O4'" A DG 2 ? ? "C1'" A DG 2 ? ? N9    A DG 2 ? ? 114.58 108.30 6.28   0.30 N 
13 1 C6    A DG 2 ? ? N1    A DG 2 ? ? C2    A DG 2 ? ? 117.83 125.10 -7.27  0.60 N 
14 1 N1    A DG 2 ? ? C2    A DG 2 ? ? N3    A DG 2 ? ? 131.49 123.90 7.59   0.60 N 
15 1 C2    A DG 2 ? ? N3    A DG 2 ? ? C4    A DG 2 ? ? 108.60 111.90 -3.30  0.50 N 
16 1 C5    A DG 2 ? ? C6    A DG 2 ? ? N1    A DG 2 ? ? 117.16 111.50 5.66   0.50 N 
17 1 N3    A DG 2 ? ? C2    A DG 2 ? ? N2    A DG 2 ? ? 112.11 119.90 -7.79  0.70 N 
18 1 N1    A DG 2 ? ? C6    A DG 2 ? ? O6    A DG 2 ? ? 114.86 119.90 -5.04  0.60 N 
19 1 "C3'" A DG 2 ? ? "O3'" A DG 2 ? ? P     A DA 3 ? ? 131.43 119.70 11.73  1.20 Y 
20 1 "O3'" A DG 2 ? ? P     A DA 3 ? ? "O5'" A DA 3 ? ? 117.15 104.00 13.15  1.90 Y 
21 1 "O5'" A DA 3 ? ? P     A DA 3 ? ? OP1   A DA 3 ? ? 96.41  105.70 -9.29  0.90 N 
22 1 "C5'" A DA 3 ? ? "C4'" A DA 3 ? ? "C3'" A DA 3 ? ? 123.25 115.70 7.55   1.20 N 
23 1 "O4'" A DA 3 ? ? "C1'" A DA 3 ? ? N9    A DA 3 ? ? 110.29 108.30 1.99   0.30 N 
24 1 "O5'" A DT 4 ? ? "C5'" A DT 4 ? ? "C4'" A DT 4 ? ? 103.82 109.40 -5.58  0.80 N 
25 1 "O4'" A DT 4 ? ? "C1'" A DT 4 ? ? N1    A DT 4 ? ? 100.61 108.00 -7.39  0.70 N 
26 1 C4    A DT 4 ? ? C5    A DT 4 ? ? C7    A DT 4 ? ? 126.41 119.00 7.41   0.60 N 
27 1 C6    A DT 4 ? ? C5    A DT 4 ? ? C7    A DT 4 ? ? 115.55 122.90 -7.35  0.60 N 
28 1 P     A DC 5 ? ? "O5'" A DC 5 ? ? "C5'" A DC 5 ? ? 110.64 120.90 -10.26 1.60 N 
29 1 "O4'" A DC 5 ? ? "C1'" A DC 5 ? ? N1    A DC 5 ? ? 123.37 108.30 15.07  0.30 N 
30 1 C2    A DC 5 ? ? N3    A DC 5 ? ? C4    A DC 5 ? ? 124.14 119.90 4.24   0.50 N 
31 1 N3    A DC 5 ? ? C4    A DC 5 ? ? C5    A DC 5 ? ? 117.69 121.90 -4.21  0.40 N 
32 1 C5    A DC 5 ? ? C6    A DC 5 ? ? N1    A DC 5 ? ? 125.28 121.00 4.28   0.50 N 
33 1 N1    A DC 5 ? ? C2    A DC 5 ? ? O2    A DC 5 ? ? 122.54 118.90 3.64   0.60 N 
34 1 C6    A DC 5 ? ? N1    A DC 5 ? ? "C1'" A DC 5 ? ? 128.83 120.80 8.03   1.20 N 
35 1 C2    A DC 5 ? ? N1    A DC 5 ? ? "C1'" A DC 5 ? ? 111.03 118.80 -7.77  1.10 N 
36 1 "O5'" A DG 6 ? ? P     A DG 6 ? ? OP1   A DG 6 ? ? 99.10  105.70 -6.60  0.90 N 
37 1 "O5'" A DG 6 ? ? "C5'" A DG 6 ? ? "C4'" A DG 6 ? ? 103.25 109.40 -6.15  0.80 N 
38 1 "O4'" A DG 6 ? ? "C1'" A DG 6 ? ? N9    A DG 6 ? ? 102.12 108.00 -5.88  0.70 N 
39 1 C6    A DG 6 ? ? N1    A DG 6 ? ? C2    A DG 6 ? ? 118.45 125.10 -6.65  0.60 N 
40 1 N1    A DG 6 ? ? C2    A DG 6 ? ? N3    A DG 6 ? ? 128.51 123.90 4.61   0.60 N 
41 1 C5    A DG 6 ? ? C6    A DG 6 ? ? N1    A DG 6 ? ? 117.03 111.50 5.53   0.50 N 
42 1 N3    A DG 6 ? ? C2    A DG 6 ? ? N2    A DG 6 ? ? 111.30 119.90 -8.60  0.70 N 
43 1 N1    A DG 6 ? ? C6    A DG 6 ? ? O6    A DG 6 ? ? 115.70 119.90 -4.20  0.60 N 
# 
_struct_site_keywords.site_id   1 
_struct_site_keywords.text      INTERCALATION 
# 
loop_
_refine_B_iso.class 
_refine_B_iso.details 
_refine_B_iso.treatment 
_refine_B_iso.pdbx_refine_id 
'ALL ATOMS'  TR isotropic 'X-RAY DIFFRACTION' 
'ALL WATERS' TR isotropic 'X-RAY DIFFRACTION' 
# 
loop_
_refine_occupancy.class 
_refine_occupancy.treatment 
_refine_occupancy.pdbx_refine_id 
'ALL ATOMS'  fix 'X-RAY DIFFRACTION' 
'ALL WATERS' fix 'X-RAY DIFFRACTION' 
# 
loop_
_chem_comp_atom.comp_id 
_chem_comp_atom.atom_id 
_chem_comp_atom.type_symbol 
_chem_comp_atom.pdbx_aromatic_flag 
_chem_comp_atom.pdbx_stereo_config 
_chem_comp_atom.pdbx_ordinal 
DA  OP3    O  N N 1   
DA  P      P  N N 2   
DA  OP1    O  N N 3   
DA  OP2    O  N N 4   
DA  "O5'"  O  N N 5   
DA  "C5'"  C  N N 6   
DA  "C4'"  C  N R 7   
DA  "O4'"  O  N N 8   
DA  "C3'"  C  N S 9   
DA  "O3'"  O  N N 10  
DA  "C2'"  C  N N 11  
DA  "C1'"  C  N R 12  
DA  N9     N  Y N 13  
DA  C8     C  Y N 14  
DA  N7     N  Y N 15  
DA  C5     C  Y N 16  
DA  C6     C  Y N 17  
DA  N6     N  N N 18  
DA  N1     N  Y N 19  
DA  C2     C  Y N 20  
DA  N3     N  Y N 21  
DA  C4     C  Y N 22  
DA  HOP3   H  N N 23  
DA  HOP2   H  N N 24  
DA  "H5'"  H  N N 25  
DA  "H5''" H  N N 26  
DA  "H4'"  H  N N 27  
DA  "H3'"  H  N N 28  
DA  "HO3'" H  N N 29  
DA  "H2'"  H  N N 30  
DA  "H2''" H  N N 31  
DA  "H1'"  H  N N 32  
DA  H8     H  N N 33  
DA  H61    H  N N 34  
DA  H62    H  N N 35  
DA  H2     H  N N 36  
DC  OP3    O  N N 37  
DC  P      P  N N 38  
DC  OP1    O  N N 39  
DC  OP2    O  N N 40  
DC  "O5'"  O  N N 41  
DC  "C5'"  C  N N 42  
DC  "C4'"  C  N R 43  
DC  "O4'"  O  N N 44  
DC  "C3'"  C  N S 45  
DC  "O3'"  O  N N 46  
DC  "C2'"  C  N N 47  
DC  "C1'"  C  N R 48  
DC  N1     N  N N 49  
DC  C2     C  N N 50  
DC  O2     O  N N 51  
DC  N3     N  N N 52  
DC  C4     C  N N 53  
DC  N4     N  N N 54  
DC  C5     C  N N 55  
DC  C6     C  N N 56  
DC  HOP3   H  N N 57  
DC  HOP2   H  N N 58  
DC  "H5'"  H  N N 59  
DC  "H5''" H  N N 60  
DC  "H4'"  H  N N 61  
DC  "H3'"  H  N N 62  
DC  "HO3'" H  N N 63  
DC  "H2'"  H  N N 64  
DC  "H2''" H  N N 65  
DC  "H1'"  H  N N 66  
DC  H41    H  N N 67  
DC  H42    H  N N 68  
DC  H5     H  N N 69  
DC  H6     H  N N 70  
DG  OP3    O  N N 71  
DG  P      P  N N 72  
DG  OP1    O  N N 73  
DG  OP2    O  N N 74  
DG  "O5'"  O  N N 75  
DG  "C5'"  C  N N 76  
DG  "C4'"  C  N R 77  
DG  "O4'"  O  N N 78  
DG  "C3'"  C  N S 79  
DG  "O3'"  O  N N 80  
DG  "C2'"  C  N N 81  
DG  "C1'"  C  N R 82  
DG  N9     N  Y N 83  
DG  C8     C  Y N 84  
DG  N7     N  Y N 85  
DG  C5     C  Y N 86  
DG  C6     C  N N 87  
DG  O6     O  N N 88  
DG  N1     N  N N 89  
DG  C2     C  N N 90  
DG  N2     N  N N 91  
DG  N3     N  N N 92  
DG  C4     C  Y N 93  
DG  HOP3   H  N N 94  
DG  HOP2   H  N N 95  
DG  "H5'"  H  N N 96  
DG  "H5''" H  N N 97  
DG  "H4'"  H  N N 98  
DG  "H3'"  H  N N 99  
DG  "HO3'" H  N N 100 
DG  "H2'"  H  N N 101 
DG  "H2''" H  N N 102 
DG  "H1'"  H  N N 103 
DG  H8     H  N N 104 
DG  H1     H  N N 105 
DG  H21    H  N N 106 
DG  H22    H  N N 107 
DM2 C1     C  Y N 108 
DM2 C2     C  Y N 109 
DM2 C3     C  Y N 110 
DM2 C4     C  Y N 111 
DM2 O4     O  N N 112 
DM2 C5     C  Y N 113 
DM2 C6     C  N N 114 
DM2 O6     O  N N 115 
DM2 C7     C  Y N 116 
DM2 C8     C  Y N 117 
DM2 O8     O  N N 118 
DM2 C9     C  Y N 119 
DM2 C10    C  N S 120 
DM2 O10    O  N N 121 
DM2 C11    C  N N 122 
DM2 C12    C  N S 123 
DM2 O12    O  N N 124 
DM2 C13    C  N N 125 
DM2 O13    O  N N 126 
DM2 C14    C  N N 127 
DM2 O14    O  N N 128 
DM2 C15    C  N N 129 
DM2 C16    C  Y N 130 
DM2 C17    C  Y N 131 
DM2 O17    O  N N 132 
DM2 C18    C  Y N 133 
DM2 C19    C  N N 134 
DM2 O19    O  N N 135 
DM2 C20    C  Y N 136 
DM2 C21    C  N N 137 
DM2 "C1'"  C  N R 138 
DM2 "C2'"  C  N N 139 
DM2 "C3'"  C  N S 140 
DM2 "N3'"  N  N N 141 
DM2 "C4'"  C  N S 142 
DM2 "O4'"  O  N N 143 
DM2 "C5'"  C  N S 144 
DM2 "O5'"  O  N N 145 
DM2 "C6'"  C  N N 146 
DM2 H1     H  N N 147 
DM2 H2     H  N N 148 
DM2 H3     H  N N 149 
DM2 HO8    H  N N 150 
DM2 H10    H  N N 151 
DM2 H111   H  N N 152 
DM2 H112   H  N N 153 
DM2 HO12   H  N N 154 
DM2 H141   H  N N 155 
DM2 H142   H  N N 156 
DM2 HO14   H  N N 157 
DM2 H151   H  N N 158 
DM2 H152   H  N N 159 
DM2 HO17   H  N N 160 
DM2 H211   H  N N 161 
DM2 H212   H  N N 162 
DM2 H213   H  N N 163 
DM2 "H1'"  H  N N 164 
DM2 "H2'1" H  N N 165 
DM2 "H2'2" H  N N 166 
DM2 "H3'"  H  N N 167 
DM2 "HN'1" H  N N 168 
DM2 "HN'2" H  N N 169 
DM2 "H4'"  H  N N 170 
DM2 "HO4'" H  N N 171 
DM2 "H5'"  H  N N 172 
DM2 "H6'1" H  N N 173 
DM2 "H6'2" H  N N 174 
DM2 "H6'3" H  N N 175 
DT  OP3    O  N N 176 
DT  P      P  N N 177 
DT  OP1    O  N N 178 
DT  OP2    O  N N 179 
DT  "O5'"  O  N N 180 
DT  "C5'"  C  N N 181 
DT  "C4'"  C  N R 182 
DT  "O4'"  O  N N 183 
DT  "C3'"  C  N S 184 
DT  "O3'"  O  N N 185 
DT  "C2'"  C  N N 186 
DT  "C1'"  C  N R 187 
DT  N1     N  N N 188 
DT  C2     C  N N 189 
DT  O2     O  N N 190 
DT  N3     N  N N 191 
DT  C4     C  N N 192 
DT  O4     O  N N 193 
DT  C5     C  N N 194 
DT  C7     C  N N 195 
DT  C6     C  N N 196 
DT  HOP3   H  N N 197 
DT  HOP2   H  N N 198 
DT  "H5'"  H  N N 199 
DT  "H5''" H  N N 200 
DT  "H4'"  H  N N 201 
DT  "H3'"  H  N N 202 
DT  "HO3'" H  N N 203 
DT  "H2'"  H  N N 204 
DT  "H2''" H  N N 205 
DT  "H1'"  H  N N 206 
DT  H3     H  N N 207 
DT  H71    H  N N 208 
DT  H72    H  N N 209 
DT  H73    H  N N 210 
DT  H6     H  N N 211 
HOH O      O  N N 212 
HOH H1     H  N N 213 
HOH H2     H  N N 214 
NA  NA     NA N N 215 
SPM N1     N  N N 216 
SPM C2     C  N N 217 
SPM C3     C  N N 218 
SPM C4     C  N N 219 
SPM N5     N  N N 220 
SPM C6     C  N N 221 
SPM C7     C  N N 222 
SPM C8     C  N N 223 
SPM C9     C  N N 224 
SPM N10    N  N N 225 
SPM C11    C  N N 226 
SPM C12    C  N N 227 
SPM C13    C  N N 228 
SPM N14    N  N N 229 
SPM HN11   H  N N 230 
SPM HN12   H  N N 231 
SPM H21    H  N N 232 
SPM H22    H  N N 233 
SPM H31    H  N N 234 
SPM H32    H  N N 235 
SPM H41    H  N N 236 
SPM H42    H  N N 237 
SPM HN5    H  N N 238 
SPM H61    H  N N 239 
SPM H62    H  N N 240 
SPM H71    H  N N 241 
SPM H72    H  N N 242 
SPM H81    H  N N 243 
SPM H82    H  N N 244 
SPM H91    H  N N 245 
SPM H92    H  N N 246 
SPM HN0    H  N N 247 
SPM H111   H  N N 248 
SPM H112   H  N N 249 
SPM H121   H  N N 250 
SPM H122   H  N N 251 
SPM H131   H  N N 252 
SPM H132   H  N N 253 
SPM HN41   H  N N 254 
SPM HN42   H  N N 255 
# 
loop_
_chem_comp_bond.comp_id 
_chem_comp_bond.atom_id_1 
_chem_comp_bond.atom_id_2 
_chem_comp_bond.value_order 
_chem_comp_bond.pdbx_aromatic_flag 
_chem_comp_bond.pdbx_stereo_config 
_chem_comp_bond.pdbx_ordinal 
DA  OP3   P      sing N N 1   
DA  OP3   HOP3   sing N N 2   
DA  P     OP1    doub N N 3   
DA  P     OP2    sing N N 4   
DA  P     "O5'"  sing N N 5   
DA  OP2   HOP2   sing N N 6   
DA  "O5'" "C5'"  sing N N 7   
DA  "C5'" "C4'"  sing N N 8   
DA  "C5'" "H5'"  sing N N 9   
DA  "C5'" "H5''" sing N N 10  
DA  "C4'" "O4'"  sing N N 11  
DA  "C4'" "C3'"  sing N N 12  
DA  "C4'" "H4'"  sing N N 13  
DA  "O4'" "C1'"  sing N N 14  
DA  "C3'" "O3'"  sing N N 15  
DA  "C3'" "C2'"  sing N N 16  
DA  "C3'" "H3'"  sing N N 17  
DA  "O3'" "HO3'" sing N N 18  
DA  "C2'" "C1'"  sing N N 19  
DA  "C2'" "H2'"  sing N N 20  
DA  "C2'" "H2''" sing N N 21  
DA  "C1'" N9     sing N N 22  
DA  "C1'" "H1'"  sing N N 23  
DA  N9    C8     sing Y N 24  
DA  N9    C4     sing Y N 25  
DA  C8    N7     doub Y N 26  
DA  C8    H8     sing N N 27  
DA  N7    C5     sing Y N 28  
DA  C5    C6     sing Y N 29  
DA  C5    C4     doub Y N 30  
DA  C6    N6     sing N N 31  
DA  C6    N1     doub Y N 32  
DA  N6    H61    sing N N 33  
DA  N6    H62    sing N N 34  
DA  N1    C2     sing Y N 35  
DA  C2    N3     doub Y N 36  
DA  C2    H2     sing N N 37  
DA  N3    C4     sing Y N 38  
DC  OP3   P      sing N N 39  
DC  OP3   HOP3   sing N N 40  
DC  P     OP1    doub N N 41  
DC  P     OP2    sing N N 42  
DC  P     "O5'"  sing N N 43  
DC  OP2   HOP2   sing N N 44  
DC  "O5'" "C5'"  sing N N 45  
DC  "C5'" "C4'"  sing N N 46  
DC  "C5'" "H5'"  sing N N 47  
DC  "C5'" "H5''" sing N N 48  
DC  "C4'" "O4'"  sing N N 49  
DC  "C4'" "C3'"  sing N N 50  
DC  "C4'" "H4'"  sing N N 51  
DC  "O4'" "C1'"  sing N N 52  
DC  "C3'" "O3'"  sing N N 53  
DC  "C3'" "C2'"  sing N N 54  
DC  "C3'" "H3'"  sing N N 55  
DC  "O3'" "HO3'" sing N N 56  
DC  "C2'" "C1'"  sing N N 57  
DC  "C2'" "H2'"  sing N N 58  
DC  "C2'" "H2''" sing N N 59  
DC  "C1'" N1     sing N N 60  
DC  "C1'" "H1'"  sing N N 61  
DC  N1    C2     sing N N 62  
DC  N1    C6     sing N N 63  
DC  C2    O2     doub N N 64  
DC  C2    N3     sing N N 65  
DC  N3    C4     doub N N 66  
DC  C4    N4     sing N N 67  
DC  C4    C5     sing N N 68  
DC  N4    H41    sing N N 69  
DC  N4    H42    sing N N 70  
DC  C5    C6     doub N N 71  
DC  C5    H5     sing N N 72  
DC  C6    H6     sing N N 73  
DG  OP3   P      sing N N 74  
DG  OP3   HOP3   sing N N 75  
DG  P     OP1    doub N N 76  
DG  P     OP2    sing N N 77  
DG  P     "O5'"  sing N N 78  
DG  OP2   HOP2   sing N N 79  
DG  "O5'" "C5'"  sing N N 80  
DG  "C5'" "C4'"  sing N N 81  
DG  "C5'" "H5'"  sing N N 82  
DG  "C5'" "H5''" sing N N 83  
DG  "C4'" "O4'"  sing N N 84  
DG  "C4'" "C3'"  sing N N 85  
DG  "C4'" "H4'"  sing N N 86  
DG  "O4'" "C1'"  sing N N 87  
DG  "C3'" "O3'"  sing N N 88  
DG  "C3'" "C2'"  sing N N 89  
DG  "C3'" "H3'"  sing N N 90  
DG  "O3'" "HO3'" sing N N 91  
DG  "C2'" "C1'"  sing N N 92  
DG  "C2'" "H2'"  sing N N 93  
DG  "C2'" "H2''" sing N N 94  
DG  "C1'" N9     sing N N 95  
DG  "C1'" "H1'"  sing N N 96  
DG  N9    C8     sing Y N 97  
DG  N9    C4     sing Y N 98  
DG  C8    N7     doub Y N 99  
DG  C8    H8     sing N N 100 
DG  N7    C5     sing Y N 101 
DG  C5    C6     sing N N 102 
DG  C5    C4     doub Y N 103 
DG  C6    O6     doub N N 104 
DG  C6    N1     sing N N 105 
DG  N1    C2     sing N N 106 
DG  N1    H1     sing N N 107 
DG  C2    N2     sing N N 108 
DG  C2    N3     doub N N 109 
DG  N2    H21    sing N N 110 
DG  N2    H22    sing N N 111 
DG  N3    C4     sing N N 112 
DM2 C1    C2     doub Y N 113 
DM2 C1    C20    sing Y N 114 
DM2 C1    H1     sing N N 115 
DM2 C2    C3     sing Y N 116 
DM2 C2    H2     sing N N 117 
DM2 C3    C4     doub Y N 118 
DM2 C3    H3     sing N N 119 
DM2 C4    O4     sing N N 120 
DM2 C4    C5     sing Y N 121 
DM2 O4    C21    sing N N 122 
DM2 C5    C6     sing N N 123 
DM2 C5    C20    doub Y N 124 
DM2 C6    O6     doub N N 125 
DM2 C6    C7     sing N N 126 
DM2 C7    C8     doub Y N 127 
DM2 C7    C18    sing Y N 128 
DM2 C8    O8     sing N N 129 
DM2 C8    C9     sing Y N 130 
DM2 O8    HO8    sing N N 131 
DM2 C9    C10    sing N N 132 
DM2 C9    C16    doub Y N 133 
DM2 C10   O10    sing N N 134 
DM2 C10   C11    sing N N 135 
DM2 C10   H10    sing N N 136 
DM2 O10   "C1'"  sing N N 137 
DM2 C11   C12    sing N N 138 
DM2 C11   H111   sing N N 139 
DM2 C11   H112   sing N N 140 
DM2 C12   O12    sing N N 141 
DM2 C12   C13    sing N N 142 
DM2 C12   C15    sing N N 143 
DM2 O12   HO12   sing N N 144 
DM2 C13   O13    doub N N 145 
DM2 C13   C14    sing N N 146 
DM2 C14   O14    sing N N 147 
DM2 C14   H141   sing N N 148 
DM2 C14   H142   sing N N 149 
DM2 O14   HO14   sing N N 150 
DM2 C15   C16    sing N N 151 
DM2 C15   H151   sing N N 152 
DM2 C15   H152   sing N N 153 
DM2 C16   C17    sing Y N 154 
DM2 C17   O17    sing N N 155 
DM2 C17   C18    doub Y N 156 
DM2 O17   HO17   sing N N 157 
DM2 C18   C19    sing N N 158 
DM2 C19   O19    doub N N 159 
DM2 C19   C20    sing N N 160 
DM2 C21   H211   sing N N 161 
DM2 C21   H212   sing N N 162 
DM2 C21   H213   sing N N 163 
DM2 "C1'" "C2'"  sing N N 164 
DM2 "C1'" "O5'"  sing N N 165 
DM2 "C1'" "H1'"  sing N N 166 
DM2 "C2'" "C3'"  sing N N 167 
DM2 "C2'" "H2'1" sing N N 168 
DM2 "C2'" "H2'2" sing N N 169 
DM2 "C3'" "N3'"  sing N N 170 
DM2 "C3'" "C4'"  sing N N 171 
DM2 "C3'" "H3'"  sing N N 172 
DM2 "N3'" "HN'1" sing N N 173 
DM2 "N3'" "HN'2" sing N N 174 
DM2 "C4'" "O4'"  sing N N 175 
DM2 "C4'" "C5'"  sing N N 176 
DM2 "C4'" "H4'"  sing N N 177 
DM2 "O4'" "HO4'" sing N N 178 
DM2 "C5'" "O5'"  sing N N 179 
DM2 "C5'" "C6'"  sing N N 180 
DM2 "C5'" "H5'"  sing N N 181 
DM2 "C6'" "H6'1" sing N N 182 
DM2 "C6'" "H6'2" sing N N 183 
DM2 "C6'" "H6'3" sing N N 184 
DT  OP3   P      sing N N 185 
DT  OP3   HOP3   sing N N 186 
DT  P     OP1    doub N N 187 
DT  P     OP2    sing N N 188 
DT  P     "O5'"  sing N N 189 
DT  OP2   HOP2   sing N N 190 
DT  "O5'" "C5'"  sing N N 191 
DT  "C5'" "C4'"  sing N N 192 
DT  "C5'" "H5'"  sing N N 193 
DT  "C5'" "H5''" sing N N 194 
DT  "C4'" "O4'"  sing N N 195 
DT  "C4'" "C3'"  sing N N 196 
DT  "C4'" "H4'"  sing N N 197 
DT  "O4'" "C1'"  sing N N 198 
DT  "C3'" "O3'"  sing N N 199 
DT  "C3'" "C2'"  sing N N 200 
DT  "C3'" "H3'"  sing N N 201 
DT  "O3'" "HO3'" sing N N 202 
DT  "C2'" "C1'"  sing N N 203 
DT  "C2'" "H2'"  sing N N 204 
DT  "C2'" "H2''" sing N N 205 
DT  "C1'" N1     sing N N 206 
DT  "C1'" "H1'"  sing N N 207 
DT  N1    C2     sing N N 208 
DT  N1    C6     sing N N 209 
DT  C2    O2     doub N N 210 
DT  C2    N3     sing N N 211 
DT  N3    C4     sing N N 212 
DT  N3    H3     sing N N 213 
DT  C4    O4     doub N N 214 
DT  C4    C5     sing N N 215 
DT  C5    C7     sing N N 216 
DT  C5    C6     doub N N 217 
DT  C7    H71    sing N N 218 
DT  C7    H72    sing N N 219 
DT  C7    H73    sing N N 220 
DT  C6    H6     sing N N 221 
HOH O     H1     sing N N 222 
HOH O     H2     sing N N 223 
SPM N1    C2     sing N N 224 
SPM N1    HN11   sing N N 225 
SPM N1    HN12   sing N N 226 
SPM C2    C3     sing N N 227 
SPM C2    H21    sing N N 228 
SPM C2    H22    sing N N 229 
SPM C3    C4     sing N N 230 
SPM C3    H31    sing N N 231 
SPM C3    H32    sing N N 232 
SPM C4    N5     sing N N 233 
SPM C4    H41    sing N N 234 
SPM C4    H42    sing N N 235 
SPM N5    C6     sing N N 236 
SPM N5    HN5    sing N N 237 
SPM C6    C7     sing N N 238 
SPM C6    H61    sing N N 239 
SPM C6    H62    sing N N 240 
SPM C7    C8     sing N N 241 
SPM C7    H71    sing N N 242 
SPM C7    H72    sing N N 243 
SPM C8    C9     sing N N 244 
SPM C8    H81    sing N N 245 
SPM C8    H82    sing N N 246 
SPM C9    N10    sing N N 247 
SPM C9    H91    sing N N 248 
SPM C9    H92    sing N N 249 
SPM N10   C11    sing N N 250 
SPM N10   HN0    sing N N 251 
SPM C11   C12    sing N N 252 
SPM C11   H111   sing N N 253 
SPM C11   H112   sing N N 254 
SPM C12   C13    sing N N 255 
SPM C12   H121   sing N N 256 
SPM C12   H122   sing N N 257 
SPM C13   N14    sing N N 258 
SPM C13   H131   sing N N 259 
SPM C13   H132   sing N N 260 
SPM N14   HN41   sing N N 261 
SPM N14   HN42   sing N N 262 
# 
_ndb_struct_conf_na.entry_id   1D12 
_ndb_struct_conf_na.feature    'b-form double helix' 
# 
loop_
_ndb_struct_na_base_pair.model_number 
_ndb_struct_na_base_pair.i_label_asym_id 
_ndb_struct_na_base_pair.i_label_comp_id 
_ndb_struct_na_base_pair.i_label_seq_id 
_ndb_struct_na_base_pair.i_symmetry 
_ndb_struct_na_base_pair.j_label_asym_id 
_ndb_struct_na_base_pair.j_label_comp_id 
_ndb_struct_na_base_pair.j_label_seq_id 
_ndb_struct_na_base_pair.j_symmetry 
_ndb_struct_na_base_pair.shear 
_ndb_struct_na_base_pair.stretch 
_ndb_struct_na_base_pair.stagger 
_ndb_struct_na_base_pair.buckle 
_ndb_struct_na_base_pair.propeller 
_ndb_struct_na_base_pair.opening 
_ndb_struct_na_base_pair.pair_number 
_ndb_struct_na_base_pair.pair_name 
_ndb_struct_na_base_pair.i_auth_asym_id 
_ndb_struct_na_base_pair.i_auth_seq_id 
_ndb_struct_na_base_pair.i_PDB_ins_code 
_ndb_struct_na_base_pair.j_auth_asym_id 
_ndb_struct_na_base_pair.j_auth_seq_id 
_ndb_struct_na_base_pair.j_PDB_ins_code 
_ndb_struct_na_base_pair.hbond_type_28 
_ndb_struct_na_base_pair.hbond_type_12 
1 A DC 1 1_555 A DG 6 8_665 0.171  -0.195 -0.033 9.246   1.248  -2.947 1 A_DC1:DG6_A A 1 ? A 6 ? 19 1 
1 A DG 2 1_555 A DC 5 8_665 -0.135 -0.244 -0.134 -15.310 0.966  -1.956 2 A_DG2:DC5_A A 2 ? A 5 ? 19 1 
1 A DA 3 1_555 A DT 4 8_665 -0.083 -0.004 -0.029 -6.595  -3.751 0.079  3 A_DA3:DT4_A A 3 ? A 4 ? 20 1 
1 A DT 4 1_555 A DA 3 8_665 0.083  -0.004 -0.029 6.595   -3.751 0.079  4 A_DT4:DA3_A A 4 ? A 3 ? 20 1 
1 A DC 5 1_555 A DG 2 8_665 0.135  -0.244 -0.134 15.310  0.966  -1.956 5 A_DC5:DG2_A A 5 ? A 2 ? 19 1 
1 A DG 6 1_555 A DC 1 8_665 -0.171 -0.195 -0.033 -9.246  1.248  -2.947 6 A_DG6:DC1_A A 6 ? A 1 ? 19 1 
# 
loop_
_ndb_struct_na_base_pair_step.model_number 
_ndb_struct_na_base_pair_step.i_label_asym_id_1 
_ndb_struct_na_base_pair_step.i_label_comp_id_1 
_ndb_struct_na_base_pair_step.i_label_seq_id_1 
_ndb_struct_na_base_pair_step.i_symmetry_1 
_ndb_struct_na_base_pair_step.j_label_asym_id_1 
_ndb_struct_na_base_pair_step.j_label_comp_id_1 
_ndb_struct_na_base_pair_step.j_label_seq_id_1 
_ndb_struct_na_base_pair_step.j_symmetry_1 
_ndb_struct_na_base_pair_step.i_label_asym_id_2 
_ndb_struct_na_base_pair_step.i_label_comp_id_2 
_ndb_struct_na_base_pair_step.i_label_seq_id_2 
_ndb_struct_na_base_pair_step.i_symmetry_2 
_ndb_struct_na_base_pair_step.j_label_asym_id_2 
_ndb_struct_na_base_pair_step.j_label_comp_id_2 
_ndb_struct_na_base_pair_step.j_label_seq_id_2 
_ndb_struct_na_base_pair_step.j_symmetry_2 
_ndb_struct_na_base_pair_step.shift 
_ndb_struct_na_base_pair_step.slide 
_ndb_struct_na_base_pair_step.rise 
_ndb_struct_na_base_pair_step.tilt 
_ndb_struct_na_base_pair_step.roll 
_ndb_struct_na_base_pair_step.twist 
_ndb_struct_na_base_pair_step.x_displacement 
_ndb_struct_na_base_pair_step.y_displacement 
_ndb_struct_na_base_pair_step.helical_rise 
_ndb_struct_na_base_pair_step.inclination 
_ndb_struct_na_base_pair_step.tip 
_ndb_struct_na_base_pair_step.helical_twist 
_ndb_struct_na_base_pair_step.step_number 
_ndb_struct_na_base_pair_step.step_name 
_ndb_struct_na_base_pair_step.i_auth_asym_id_1 
_ndb_struct_na_base_pair_step.i_auth_seq_id_1 
_ndb_struct_na_base_pair_step.i_PDB_ins_code_1 
_ndb_struct_na_base_pair_step.j_auth_asym_id_1 
_ndb_struct_na_base_pair_step.j_auth_seq_id_1 
_ndb_struct_na_base_pair_step.j_PDB_ins_code_1 
_ndb_struct_na_base_pair_step.i_auth_asym_id_2 
_ndb_struct_na_base_pair_step.i_auth_seq_id_2 
_ndb_struct_na_base_pair_step.i_PDB_ins_code_2 
_ndb_struct_na_base_pair_step.j_auth_asym_id_2 
_ndb_struct_na_base_pair_step.j_auth_seq_id_2 
_ndb_struct_na_base_pair_step.j_PDB_ins_code_2 
1 A DC 1 1_555 A DG 6 8_665 A DG 2 1_555 A DC 5 8_665 1.257  0.967  7.086 0.263  -2.737 36.328 2.366  -1.931 7.006 -4.382 -0.421 
36.428 1 AA_DC1DG2:DC5DG6_AA A 1 ? A 6 ? A 2 ? A 5 ? 
1 A DG 2 1_555 A DC 5 8_665 A DA 3 1_555 A DT 4 8_665 -1.235 0.515  3.198 -2.653 -0.622 31.569 1.057  1.778  3.278 -1.141 4.865  
31.684 2 AA_DG2DA3:DT4DC5_AA A 2 ? A 5 ? A 3 ? A 4 ? 
1 A DA 3 1_555 A DT 4 8_665 A DT 4 1_555 A DA 3 8_665 0.000  -0.508 3.296 0.000  4.905  30.845 -1.872 0.000  3.179 9.150  0.000  
31.223 3 AA_DA3DT4:DA3DT4_AA A 3 ? A 4 ? A 4 ? A 3 ? 
1 A DT 4 1_555 A DA 3 8_665 A DC 5 1_555 A DG 2 8_665 1.235  0.515  3.198 2.653  -0.622 31.569 1.057  -1.778 3.278 -1.141 -4.865 
31.684 4 AA_DT4DC5:DG2DA3_AA A 4 ? A 3 ? A 5 ? A 2 ? 
1 A DC 5 1_555 A DG 2 8_665 A DG 6 1_555 A DC 1 8_665 -1.257 0.967  7.086 -0.263 -2.737 36.328 2.366  1.931  7.006 -4.382 0.421  
36.428 5 AA_DC5DG6:DC1DG2_AA A 5 ? A 2 ? A 6 ? A 1 ? 
# 
_atom_sites.entry_id                    1D12 
_atom_sites.fract_transf_matrix[1][1]   0.03308388 
_atom_sites.fract_transf_matrix[1][2]   0.00781696 
_atom_sites.fract_transf_matrix[1][3]   0.01004554 
_atom_sites.fract_transf_matrix[2][1]   -0.00228579 
_atom_sites.fract_transf_matrix[2][2]   -0.02387248 
_atom_sites.fract_transf_matrix[2][3]   0.02610441 
_atom_sites.fract_transf_matrix[3][1]   0.00664129 
_atom_sites.fract_transf_matrix[3][2]   -0.01326551 
_atom_sites.fract_transf_matrix[3][3]   -0.01154977 
_atom_sites.fract_transf_vector[1]      0.564322 
_atom_sites.fract_transf_vector[2]      0.545621 
_atom_sites.fract_transf_vector[3]      0.208541 
# 
loop_
_atom_type.symbol 
C  
N  
NA 
O  
P  
# 
loop_
_atom_site.group_PDB 
_atom_site.id 
_atom_site.type_symbol 
_atom_site.label_atom_id 
_atom_site.label_alt_id 
_atom_site.label_comp_id 
_atom_site.label_asym_id 
_atom_site.label_entity_id 
_atom_site.label_seq_id 
_atom_site.pdbx_PDB_ins_code 
_atom_site.Cartn_x 
_atom_site.Cartn_y 
_atom_site.Cartn_z 
_atom_site.occupancy 
_atom_site.B_iso_or_equiv 
_atom_site.pdbx_formal_charge 
_atom_site.auth_seq_id 
_atom_site.auth_comp_id 
_atom_site.auth_asym_id 
_atom_site.auth_atom_id 
_atom_site.pdbx_PDB_model_num 
ATOM   1   O  "O5'" . DC  A 1 1 ? -2.095  -13.313 -5.469  1.00 13.77 ? 1  DC  A "O5'" 1 
ATOM   2   C  "C5'" . DC  A 1 1 ? -1.447  -14.576 -5.366  1.00 12.49 ? 1  DC  A "C5'" 1 
ATOM   3   C  "C4'" . DC  A 1 1 ? 0.045   -14.398 -5.198  1.00 11.79 ? 1  DC  A "C4'" 1 
ATOM   4   O  "O4'" . DC  A 1 1 ? 0.571   -14.040 -6.451  1.00 11.28 ? 1  DC  A "O4'" 1 
ATOM   5   C  "C3'" . DC  A 1 1 ? 0.437   -13.162 -4.304  1.00 12.48 ? 1  DC  A "C3'" 1 
ATOM   6   O  "O3'" . DC  A 1 1 ? 1.449   -13.647 -3.530  1.00 14.42 ? 1  DC  A "O3'" 1 
ATOM   7   C  "C2'" . DC  A 1 1 ? 0.790   -11.985 -5.256  1.00 11.04 ? 1  DC  A "C2'" 1 
ATOM   8   C  "C1'" . DC  A 1 1 ? 1.275   -12.833 -6.524  1.00 9.39  ? 1  DC  A "C1'" 1 
ATOM   9   N  N1    . DC  A 1 1 ? 0.945   -12.060 -7.767  1.00 7.92  ? 1  DC  A N1    1 
ATOM   10  C  C2    . DC  A 1 1 ? 2.016   -11.308 -8.238  1.00 7.11  ? 1  DC  A C2    1 
ATOM   11  O  O2    . DC  A 1 1 ? 3.139   -11.299 -7.686  1.00 6.95  ? 1  DC  A O2    1 
ATOM   12  N  N3    . DC  A 1 1 ? 1.754   -10.578 -9.357  1.00 6.46  ? 1  DC  A N3    1 
ATOM   13  C  C4    . DC  A 1 1 ? 0.607   -10.519 -10.077 1.00 6.28  ? 1  DC  A C4    1 
ATOM   14  N  N4    . DC  A 1 1 ? 0.517   -9.734  -11.174 1.00 6.43  ? 1  DC  A N4    1 
ATOM   15  C  C5    . DC  A 1 1 ? -0.470  -11.293 -9.520  1.00 7.44  ? 1  DC  A C5    1 
ATOM   16  C  C6    . DC  A 1 1 ? -0.257  -11.991 -8.416  1.00 6.36  ? 1  DC  A C6    1 
ATOM   17  P  P     . DG  A 1 2 ? 1.519   -13.400 -1.878  1.00 15.45 ? 2  DG  A P     1 
ATOM   18  O  OP1   . DG  A 1 2 ? 2.687   -14.200 -1.564  1.00 16.63 ? 2  DG  A OP1   1 
ATOM   19  O  OP2   . DG  A 1 2 ? 0.202   -13.495 -1.516  1.00 15.13 ? 2  DG  A OP2   1 
ATOM   20  O  "O5'" . DG  A 1 2 ? 1.813   -11.778 -1.819  1.00 15.10 ? 2  DG  A "O5'" 1 
ATOM   21  C  "C5'" . DG  A 1 2 ? 3.192   -11.370 -1.804  1.00 13.52 ? 2  DG  A "C5'" 1 
ATOM   22  C  "C4'" . DG  A 1 2 ? 3.059   -9.813  -1.630  1.00 12.70 ? 2  DG  A "C4'" 1 
ATOM   23  O  "O4'" . DG  A 1 2 ? 2.318   -9.286  -2.725  1.00 11.90 ? 2  DG  A "O4'" 1 
ATOM   24  C  "C3'" . DG  A 1 2 ? 2.227   -9.398  -0.366  1.00 12.37 ? 2  DG  A "C3'" 1 
ATOM   25  O  "O3'" . DG  A 1 2 ? 3.142   -8.480  0.127   1.00 14.22 ? 2  DG  A "O3'" 1 
ATOM   26  C  "C2'" . DG  A 1 2 ? 0.881   -8.977  -0.913  1.00 11.58 ? 2  DG  A "C2'" 1 
ATOM   27  C  "C1'" . DG  A 1 2 ? 1.404   -8.327  -2.225  1.00 9.46  ? 2  DG  A "C1'" 1 
ATOM   28  N  N9    . DG  A 1 2 ? 0.442   -7.931  -3.123  1.00 7.67  ? 2  DG  A N9    1 
ATOM   29  C  C8    . DG  A 1 2 ? -0.798  -8.344  -3.203  1.00 7.08  ? 2  DG  A C8    1 
ATOM   30  N  N7    . DG  A 1 2 ? -1.531  -7.725  -4.132  1.00 7.08  ? 2  DG  A N7    1 
ATOM   31  C  C5    . DG  A 1 2 ? -0.658  -6.769  -4.614  1.00 6.85  ? 2  DG  A C5    1 
ATOM   32  C  C6    . DG  A 1 2 ? -0.864  -5.742  -5.554  1.00 6.05  ? 2  DG  A C6    1 
ATOM   33  O  O6    . DG  A 1 2 ? -1.891  -5.536  -6.262  1.00 7.30  ? 2  DG  A O6    1 
ATOM   34  N  N1    . DG  A 1 2 ? 0.171   -4.953  -5.828  1.00 5.46  ? 2  DG  A N1    1 
ATOM   35  C  C2    . DG  A 1 2 ? 1.328   -5.166  -5.149  1.00 5.07  ? 2  DG  A C2    1 
ATOM   36  N  N2    . DG  A 1 2 ? 2.291   -4.405  -5.430  1.00 4.98  ? 2  DG  A N2    1 
ATOM   37  N  N3    . DG  A 1 2 ? 1.642   -6.035  -4.233  1.00 5.85  ? 2  DG  A N3    1 
ATOM   38  C  C4    . DG  A 1 2 ? 0.559   -6.836  -4.003  1.00 6.17  ? 2  DG  A C4    1 
ATOM   39  P  P     . DA  A 1 3 ? 3.565   -8.125  1.590   1.00 15.45 ? 3  DA  A P     1 
ATOM   40  O  OP1   . DA  A 1 3 ? 4.350   -9.192  2.092   1.00 15.72 ? 3  DA  A OP1   1 
ATOM   41  O  OP2   . DA  A 1 3 ? 2.238   -7.771  2.228   1.00 15.49 ? 3  DA  A OP2   1 
ATOM   42  O  "O5'" . DA  A 1 3 ? 4.675   -6.986  1.773   1.00 13.47 ? 3  DA  A "O5'" 1 
ATOM   43  C  "C5'" . DA  A 1 3 ? 5.767   -6.961  0.925   1.00 12.32 ? 3  DA  A "C5'" 1 
ATOM   44  C  "C4'" . DA  A 1 3 ? 5.925   -5.474  0.507   1.00 11.72 ? 3  DA  A "C4'" 1 
ATOM   45  O  "O4'" . DA  A 1 3 ? 5.030   -5.266  -0.632  1.00 11.18 ? 3  DA  A "O4'" 1 
ATOM   46  C  "C3'" . DA  A 1 3 ? 5.632   -4.300  1.449   1.00 11.47 ? 3  DA  A "C3'" 1 
ATOM   47  O  "O3'" . DA  A 1 3 ? 6.809   -3.540  1.291   1.00 13.46 ? 3  DA  A "O3'" 1 
ATOM   48  C  "C2'" . DA  A 1 3 ? 4.570   -3.482  0.835   1.00 10.52 ? 3  DA  A "C2'" 1 
ATOM   49  C  "C1'" . DA  A 1 3 ? 4.340   -4.035  -0.607  1.00 9.79  ? 3  DA  A "C1'" 1 
ATOM   50  N  N9    . DA  A 1 3 ? 2.997   -4.229  -0.909  1.00 8.23  ? 3  DA  A N9    1 
ATOM   51  C  C8    . DA  A 1 3 ? 2.065   -5.021  -0.387  1.00 8.17  ? 3  DA  A C8    1 
ATOM   52  N  N7    . DA  A 1 3 ? 0.855   -4.859  -0.921  1.00 7.75  ? 3  DA  A N7    1 
ATOM   53  C  C5    . DA  A 1 3 ? 1.080   -3.878  -1.868  1.00 7.78  ? 3  DA  A C5    1 
ATOM   54  C  C6    . DA  A 1 3 ? 0.205   -3.229  -2.749  1.00 7.63  ? 3  DA  A C6    1 
ATOM   55  N  N6    . DA  A 1 3 ? -1.108  -3.537  -2.881  1.00 7.40  ? 3  DA  A N6    1 
ATOM   56  N  N1    . DA  A 1 3 ? 0.717   -2.250  -3.536  1.00 7.86  ? 3  DA  A N1    1 
ATOM   57  C  C2    . DA  A 1 3 ? 2.028   -1.950  -3.429  1.00 7.71  ? 3  DA  A C2    1 
ATOM   58  N  N3    . DA  A 1 3 ? 2.940   -2.483  -2.627  1.00 8.36  ? 3  DA  A N3    1 
ATOM   59  C  C4    . DA  A 1 3 ? 2.364   -3.447  -1.885  1.00 7.93  ? 3  DA  A C4    1 
ATOM   60  P  P     . DT  A 1 4 ? 7.104   -2.266  2.194   1.00 14.60 ? 4  DT  A P     1 
ATOM   61  O  OP1   . DT  A 1 4 ? 8.538   -2.125  2.076   1.00 15.31 ? 4  DT  A OP1   1 
ATOM   62  O  OP2   . DT  A 1 4 ? 6.500   -2.352  3.505   1.00 14.97 ? 4  DT  A OP2   1 
ATOM   63  O  "O5'" . DT  A 1 4 ? 6.598   -0.932  1.376   1.00 13.25 ? 4  DT  A "O5'" 1 
ATOM   64  C  "C5'" . DT  A 1 4 ? 7.128   -0.556  0.162   1.00 12.75 ? 4  DT  A "C5'" 1 
ATOM   65  C  "C4'" . DT  A 1 4 ? 6.200   0.612   -0.306  1.00 12.92 ? 4  DT  A "C4'" 1 
ATOM   66  O  "O4'" . DT  A 1 4 ? 4.896   0.087   -0.514  1.00 12.97 ? 4  DT  A "O4'" 1 
ATOM   67  C  "C3'" . DT  A 1 4 ? 6.077   1.713   0.762   1.00 13.41 ? 4  DT  A "C3'" 1 
ATOM   68  O  "O3'" . DT  A 1 4 ? 6.519   2.875   0.120   1.00 15.06 ? 4  DT  A "O3'" 1 
ATOM   69  C  "C2'" . DT  A 1 4 ? 4.583   1.794   1.146   1.00 12.17 ? 4  DT  A "C2'" 1 
ATOM   70  C  "C1'" . DT  A 1 4 ? 3.937   1.154   -0.035  1.00 10.28 ? 4  DT  A "C1'" 1 
ATOM   71  N  N1    . DT  A 1 4 ? 2.707   0.335   0.198   1.00 9.18  ? 4  DT  A N1    1 
ATOM   72  C  C2    . DT  A 1 4 ? 1.719   0.668   -0.679  1.00 8.09  ? 4  DT  A C2    1 
ATOM   73  O  O2    . DT  A 1 4 ? 1.943   1.555   -1.520  1.00 8.54  ? 4  DT  A O2    1 
ATOM   74  N  N3    . DT  A 1 4 ? 0.565   -0.031  -0.586  1.00 8.19  ? 4  DT  A N3    1 
ATOM   75  C  C4    . DT  A 1 4 ? 0.335   -1.040  0.322   1.00 7.89  ? 4  DT  A C4    1 
ATOM   76  O  O4    . DT  A 1 4 ? -0.788  -1.573  0.285   1.00 7.32  ? 4  DT  A O4    1 
ATOM   77  C  C5    . DT  A 1 4 ? 1.358   -1.326  1.259   1.00 8.58  ? 4  DT  A C5    1 
ATOM   78  C  C7    . DT  A 1 4 ? 1.309   -2.374  2.353   1.00 8.40  ? 4  DT  A C7    1 
ATOM   79  C  C6    . DT  A 1 4 ? 2.530   -0.647  1.151   1.00 8.68  ? 4  DT  A C6    1 
ATOM   80  P  P     . DC  A 1 5 ? 6.988   4.084   1.022   1.00 16.66 ? 5  DC  A P     1 
ATOM   81  O  OP1   . DC  A 1 5 ? 7.844   4.864   0.222   1.00 15.23 ? 5  DC  A OP1   1 
ATOM   82  O  OP2   . DC  A 1 5 ? 7.364   3.500   2.347   1.00 16.42 ? 5  DC  A OP2   1 
ATOM   83  O  "O5'" . DC  A 1 5 ? 5.672   5.090   1.301   1.00 15.99 ? 5  DC  A "O5'" 1 
ATOM   84  C  "C5'" . DC  A 1 5 ? 5.113   5.582   0.025   1.00 15.07 ? 5  DC  A "C5'" 1 
ATOM   85  C  "C4'" . DC  A 1 5 ? 3.711   6.080   0.373   1.00 14.09 ? 5  DC  A "C4'" 1 
ATOM   86  O  "O4'" . DC  A 1 5 ? 2.855   4.900   0.403   1.00 13.61 ? 5  DC  A "O4'" 1 
ATOM   87  C  "C3'" . DC  A 1 5 ? 3.438   6.744   1.733   1.00 14.04 ? 5  DC  A "C3'" 1 
ATOM   88  O  "O3'" . DC  A 1 5 ? 2.535   7.756   1.571   1.00 14.96 ? 5  DC  A "O3'" 1 
ATOM   89  C  "C2'" . DC  A 1 5 ? 2.789   5.661   2.596   1.00 12.10 ? 5  DC  A "C2'" 1 
ATOM   90  C  "C1'" . DC  A 1 5 ? 2.074   4.846   1.444   1.00 10.48 ? 5  DC  A "C1'" 1 
ATOM   91  N  N1    . DC  A 1 5 ? 1.485   3.587   1.957   1.00 8.90  ? 5  DC  A N1    1 
ATOM   92  C  C2    . DC  A 1 5 ? 0.287   3.307   1.328   1.00 7.88  ? 5  DC  A C2    1 
ATOM   93  O  O2    . DC  A 1 5 ? -0.117  3.949   0.363   1.00 8.09  ? 5  DC  A O2    1 
ATOM   94  N  N3    . DC  A 1 5 ? -0.424  2.254   1.797   1.00 7.21  ? 5  DC  A N3    1 
ATOM   95  C  C4    . DC  A 1 5 ? -0.029  1.463   2.852   1.00 6.92  ? 5  DC  A C4    1 
ATOM   96  N  N4    . DC  A 1 5 ? -0.775  0.460   3.285   1.00 6.70  ? 5  DC  A N4    1 
ATOM   97  C  C5    . DC  A 1 5 ? 1.211   1.795   3.510   1.00 7.77  ? 5  DC  A C5    1 
ATOM   98  C  C6    . DC  A 1 5 ? 1.872   2.836   3.028   1.00 8.10  ? 5  DC  A C6    1 
ATOM   99  P  P     . DG  A 1 6 ? 3.019   9.248   1.493   1.00 15.81 ? 6  DG  A P     1 
ATOM   100 O  OP1   . DG  A 1 6 ? 3.875   9.410   0.359   1.00 15.40 ? 6  DG  A OP1   1 
ATOM   101 O  OP2   . DG  A 1 6 ? 3.651   9.594   2.812   1.00 16.07 ? 6  DG  A OP2   1 
ATOM   102 O  "O5'" . DG  A 1 6 ? 1.822   10.246  1.055   1.00 13.98 ? 6  DG  A "O5'" 1 
ATOM   103 C  "C5'" . DG  A 1 6 ? 1.200   9.976   -0.185  1.00 11.76 ? 6  DG  A "C5'" 1 
ATOM   104 C  "C4'" . DG  A 1 6 ? -0.023  10.986  -0.206  1.00 9.32  ? 6  DG  A "C4'" 1 
ATOM   105 O  "O4'" . DG  A 1 6 ? -1.006  10.347  0.592   1.00 9.36  ? 6  DG  A "O4'" 1 
ATOM   106 C  "C3'" . DG  A 1 6 ? 0.245   12.363  0.440   1.00 8.09  ? 6  DG  A "C3'" 1 
ATOM   107 O  "O3'" . DG  A 1 6 ? -0.543  13.180  -0.406  1.00 8.08  ? 6  DG  A "O3'" 1 
ATOM   108 C  "C2'" . DG  A 1 6 ? -0.217  12.171  1.835   1.00 7.50  ? 6  DG  A "C2'" 1 
ATOM   109 C  "C1'" . DG  A 1 6 ? -1.438  11.183  1.700   1.00 6.79  ? 6  DG  A "C1'" 1 
ATOM   110 N  N9    . DG  A 1 6 ? -1.615  10.230  2.743   1.00 5.98  ? 6  DG  A N9    1 
ATOM   111 C  C8    . DG  A 1 6 ? -0.640  9.881   3.617   1.00 5.92  ? 6  DG  A C8    1 
ATOM   112 N  N7    . DG  A 1 6 ? -1.045  8.985   4.490   1.00 6.62  ? 6  DG  A N7    1 
ATOM   113 C  C5    . DG  A 1 6 ? -2.348  8.740   4.168   1.00 5.73  ? 6  DG  A C5    1 
ATOM   114 C  C6    . DG  A 1 6 ? -3.303  7.844   4.733   1.00 4.95  ? 6  DG  A C6    1 
ATOM   115 O  O6    . DG  A 1 6 ? -3.138  7.077   5.712   1.00 5.07  ? 6  DG  A O6    1 
ATOM   116 N  N1    . DG  A 1 6 ? -4.507  7.782   4.140   1.00 5.03  ? 6  DG  A N1    1 
ATOM   117 C  C2    . DG  A 1 6 ? -4.758  8.613   3.104   1.00 4.33  ? 6  DG  A C2    1 
ATOM   118 N  N2    . DG  A 1 6 ? -5.846  8.610   2.572   1.00 3.58  ? 6  DG  A N2    1 
ATOM   119 N  N3    . DG  A 1 6 ? -3.919  9.457   2.489   1.00 4.83  ? 6  DG  A N3    1 
ATOM   120 C  C4    . DG  A 1 6 ? -2.729  9.463   3.097   1.00 5.46  ? 6  DG  A C4    1 
HETATM 121 C  C1    . DM2 B 2 . ? -2.792  2.067   5.901   1.00 7.78  ? 7  DM2 A C1    1 
HETATM 122 C  C2    . DM2 B 2 . ? -1.772  1.819   6.833   1.00 7.97  ? 7  DM2 A C2    1 
HETATM 123 C  C3    . DM2 B 2 . ? -0.580  2.582   6.695   1.00 8.50  ? 7  DM2 A C3    1 
HETATM 124 C  C4    . DM2 B 2 . ? -0.425  3.565   5.721   1.00 7.31  ? 7  DM2 A C4    1 
HETATM 125 O  O4    . DM2 B 2 . ? 0.775   4.266   5.621   1.00 7.91  ? 7  DM2 A O4    1 
HETATM 126 C  C5    . DM2 B 2 . ? -1.463  3.822   4.834   1.00 7.55  ? 7  DM2 A C5    1 
HETATM 127 C  C6    . DM2 B 2 . ? -1.389  4.733   3.795   1.00 7.25  ? 7  DM2 A C6    1 
HETATM 128 O  O6    . DM2 B 2 . ? -0.281  5.546   3.658   1.00 8.86  ? 7  DM2 A O6    1 
HETATM 129 C  C7    . DM2 B 2 . ? -2.433  4.949   2.918   1.00 7.35  ? 7  DM2 A C7    1 
HETATM 130 C  C8    . DM2 B 2 . ? -2.383  5.902   1.921   1.00 8.55  ? 7  DM2 A C8    1 
HETATM 131 O  O8    . DM2 B 2 . ? -1.262  6.693   1.681   1.00 8.13  ? 7  DM2 A O8    1 
HETATM 132 C  C9    . DM2 B 2 . ? -3.493  6.087   1.069   1.00 10.14 ? 7  DM2 A C9    1 
HETATM 133 C  C10   . DM2 B 2 . ? -3.342  7.095   0.013   1.00 11.50 ? 7  DM2 A C10   1 
HETATM 134 O  O10   . DM2 B 2 . ? -2.242  6.687   -0.720  1.00 13.90 ? 7  DM2 A O10   1 
HETATM 135 C  C11   . DM2 B 2 . ? -4.555  7.445   -0.823  1.00 11.95 ? 7  DM2 A C11   1 
HETATM 136 C  C12   . DM2 B 2 . ? -5.342  6.110   -1.122  1.00 11.32 ? 7  DM2 A C12   1 
HETATM 137 O  O12   . DM2 B 2 . ? -4.871  4.922   -1.921  1.00 12.10 ? 7  DM2 A O12   1 
HETATM 138 C  C13   . DM2 B 2 . ? -6.618  6.572   -1.874  1.00 11.82 ? 7  DM2 A C13   1 
HETATM 139 O  O13   . DM2 B 2 . ? -7.697  7.042   -1.072  1.00 12.51 ? 7  DM2 A O13   1 
HETATM 140 C  C14   . DM2 B 2 . ? -6.720  6.511   -3.325  1.00 11.37 ? 7  DM2 A C14   1 
HETATM 141 O  O14   . DM2 B 2 . ? -7.791  7.110   -4.042  1.00 10.91 ? 7  DM2 A O14   1 
HETATM 142 C  C15   . DM2 B 2 . ? -5.762  5.532   0.279   1.00 10.66 ? 7  DM2 A C15   1 
HETATM 143 C  C16   . DM2 B 2 . ? -4.663  5.320   1.196   1.00 9.42  ? 7  DM2 A C16   1 
HETATM 144 C  C17   . DM2 B 2 . ? -4.682  4.376   2.220   1.00 8.78  ? 7  DM2 A C17   1 
HETATM 145 O  O17   . DM2 B 2 . ? -5.876  3.641   2.437   1.00 9.45  ? 7  DM2 A O17   1 
HETATM 146 C  C18   . DM2 B 2 . ? -3.590  4.185   3.066   1.00 7.02  ? 7  DM2 A C18   1 
HETATM 147 C  C19   . DM2 B 2 . ? -3.670  3.261   4.092   1.00 6.72  ? 7  DM2 A C19   1 
HETATM 148 O  O19   . DM2 B 2 . ? -4.777  2.487   4.221   1.00 7.20  ? 7  DM2 A O19   1 
HETATM 149 C  C20   . DM2 B 2 . ? -2.610  3.042   4.927   1.00 6.39  ? 7  DM2 A C20   1 
HETATM 150 C  C21   . DM2 B 2 . ? 1.887   4.053   6.525   1.00 7.78  ? 7  DM2 A C21   1 
HETATM 151 C  "C1'" . DM2 B 2 . ? -1.354  7.262   -1.596  1.00 15.85 ? 7  DM2 A "C1'" 1 
HETATM 152 C  "C2'" . DM2 B 2 . ? 0.042   6.621   -1.493  1.00 16.87 ? 7  DM2 A "C2'" 1 
HETATM 153 C  "C3'" . DM2 B 2 . ? 0.164   5.304   -2.262  1.00 17.66 ? 7  DM2 A "C3'" 1 
HETATM 154 N  "N3'" . DM2 B 2 . ? 1.517   4.664   -2.290  1.00 17.04 ? 7  DM2 A "N3'" 1 
HETATM 155 C  "C4'" . DM2 B 2 . ? -0.580  5.428   -3.605  1.00 18.05 ? 7  DM2 A "C4'" 1 
HETATM 156 O  "O4'" . DM2 B 2 . ? 0.311   6.253   -4.359  1.00 19.79 ? 7  DM2 A "O4'" 1 
HETATM 157 C  "C5'" . DM2 B 2 . ? -1.935  6.226   -3.582  1.00 17.92 ? 7  DM2 A "C5'" 1 
HETATM 158 O  "O5'" . DM2 B 2 . ? -1.867  7.523   -2.918  1.00 17.15 ? 7  DM2 A "O5'" 1 
HETATM 159 C  "C6'" . DM2 B 2 . ? -2.511  6.457   -4.990  1.00 18.50 ? 7  DM2 A "C6'" 1 
HETATM 160 N  N1    . SPM C 3 . ? 2.481   0.066   5.559   1.00 40.45 ? 8  SPM A N1    1 
HETATM 161 C  C2    . SPM C 3 . ? 1.082   -0.307  6.109   1.00 40.21 ? 8  SPM A C2    1 
HETATM 162 C  C3    . SPM C 3 . ? 0.699   -1.655  5.509   1.00 40.41 ? 8  SPM A C3    1 
HETATM 163 C  C4    . SPM C 3 . ? -0.814  -2.027  5.716   1.00 40.24 ? 8  SPM A C4    1 
HETATM 164 N  N5    . SPM C 3 . ? -0.897  -3.306  4.736   1.00 40.49 ? 8  SPM A N5    1 
HETATM 165 C  C6    . SPM C 3 . ? -2.371  -3.759  4.706   1.00 40.34 ? 8  SPM A C6    1 
HETATM 166 C  C7    . SPM C 3 . ? -2.605  -4.429  3.338   1.00 40.17 ? 8  SPM A C7    1 
HETATM 167 C  C8    . SPM C 3 . ? -2.130  -3.445  2.210   1.00 39.83 ? 8  SPM A C8    1 
HETATM 168 C  C9    . SPM C 3 . ? -3.012  -3.715  0.986   1.00 39.94 ? 8  SPM A C9    1 
HETATM 169 N  N10   . SPM C 3 . ? -4.387  -3.058  1.068   1.00 40.07 ? 8  SPM A N10   1 
HETATM 170 C  C11   . SPM C 3 . ? -5.389  -3.659  2.119   1.00 40.04 ? 8  SPM A C11   1 
HETATM 171 C  C12   . SPM C 3 . ? -6.155  -2.493  2.765   1.00 40.13 ? 8  SPM A C12   1 
HETATM 172 C  C13   . SPM C 3 . ? -7.677  -2.646  2.736   1.00 40.34 ? 8  SPM A C13   1 
HETATM 173 N  N14   . SPM C 3 . ? -8.254  -1.951  4.032   1.00 40.38 ? 8  SPM A N14   1 
HETATM 174 NA NA    . NA  D 4 . ? 0.641   7.301   5.924   1.00 35.33 ? 9  NA  A NA    1 
HETATM 175 O  O     . HOH E 5 . ? -1.679  6.404   7.747   1.00 35.55 ? 10 HOH A O     1 
HETATM 176 O  O     . HOH E 5 . ? 2.983   8.559   4.976   1.00 38.07 ? 11 HOH A O     1 
HETATM 177 O  O     . HOH E 5 . ? 1.630   8.177   8.716   1.00 36.28 ? 12 HOH A O     1 
HETATM 178 O  O     . HOH E 5 . ? 3.233   3.481   -7.110  1.00 35.05 ? 13 HOH A O     1 
HETATM 179 O  O     . HOH E 5 . ? -1.749  -5.744  -0.501  1.00 36.52 ? 14 HOH A O     1 
HETATM 180 O  O     . HOH E 5 . ? 4.317   -0.903  3.891   1.00 27.54 ? 15 HOH A O     1 
HETATM 181 O  O     . HOH E 5 . ? 7.966   7.707   -1.393  1.00 40.31 ? 16 HOH A O     1 
HETATM 182 O  O     . HOH E 5 . ? 2.443   12.605  -3.001  1.00 33.89 ? 17 HOH A O     1 
HETATM 183 O  O     . HOH E 5 . ? -12.613 6.795   2.299   1.00 39.62 ? 18 HOH A O     1 
HETATM 184 O  O     . HOH E 5 . ? -10.890 -5.496  0.080   1.00 56.39 ? 19 HOH A O     1 
HETATM 185 O  O     . HOH E 5 . ? -4.264  11.100  -0.563  1.00 23.32 ? 20 HOH A O     1 
HETATM 186 O  O     . HOH E 5 . ? 0.546   5.063   10.539  1.00 45.21 ? 21 HOH A O     1 
HETATM 187 O  O     . HOH E 5 . ? -9.635  7.169   1.161   1.00 24.54 ? 22 HOH A O     1 
HETATM 188 O  O     . HOH E 5 . ? -7.198  10.827  0.618   1.00 28.06 ? 23 HOH A O     1 
HETATM 189 O  O     . HOH E 5 . ? 4.146   -12.170 2.264   1.00 37.55 ? 24 HOH A O     1 
HETATM 190 O  O     . HOH E 5 . ? 3.772   -4.524  4.683   1.00 35.62 ? 25 HOH A O     1 
HETATM 191 O  O     . HOH E 5 . ? 1.730   2.760   -4.637  1.00 28.54 ? 26 HOH A O     1 
HETATM 192 O  O     . HOH E 5 . ? -3.147  -11.978 -3.386  1.00 21.67 ? 27 HOH A O     1 
HETATM 193 O  O     . HOH E 5 . ? 0.146   0.563   -13.426 1.00 31.07 ? 28 HOH A O     1 
HETATM 194 O  O     . HOH E 5 . ? -4.543  -15.231 0.872   1.00 46.29 ? 29 HOH A O     1 
HETATM 195 O  O     . HOH E 5 . ? 1.238   9.317   -3.637  1.00 42.90 ? 30 HOH A O     1 
HETATM 196 O  O     . HOH E 5 . ? -3.705  -12.980 -7.855  1.00 29.96 ? 31 HOH A O     1 
HETATM 197 O  O     . HOH E 5 . ? -4.348  -2.013  4.718   1.00 46.97 ? 32 HOH A O     1 
HETATM 198 O  O     . HOH E 5 . ? -14.012 7.992   0.480   1.00 45.31 ? 33 HOH A O     1 
HETATM 199 O  O     . HOH E 5 . ? -1.799  -11.084 -1.323  1.00 36.37 ? 34 HOH A O     1 
HETATM 200 O  O     . HOH E 5 . ? 3.726   6.510   -3.882  1.00 21.52 ? 35 HOH A O     1 
HETATM 201 O  O     . HOH E 5 . ? -2.533  14.546  -13.179 1.00 45.27 ? 36 HOH A O     1 
HETATM 202 O  O     . HOH E 5 . ? -2.083  -12.000 1.658   1.00 39.73 ? 37 HOH A O     1 
HETATM 203 O  O     . HOH E 5 . ? 2.055   -8.635  5.569   1.00 42.84 ? 38 HOH A O     1 
HETATM 204 O  O     . HOH E 5 . ? -10.838 5.373   -4.977  1.00 34.47 ? 39 HOH A O     1 
HETATM 205 O  O     . HOH E 5 . ? -13.962 7.693   -2.653  1.00 48.66 ? 40 HOH A O     1 
HETATM 206 O  O     . HOH E 5 . ? -5.647  0.122   5.570   1.00 40.41 ? 41 HOH A O     1 
HETATM 207 O  O     . HOH E 5 . ? -3.625  -14.065 3.940   1.00 58.94 ? 42 HOH A O     1 
HETATM 208 O  O     . HOH E 5 . ? 1.855   5.946   -6.854  1.00 37.87 ? 43 HOH A O     1 
HETATM 209 O  O     . HOH E 5 . ? 3.201   8.773   -6.740  1.00 36.09 ? 44 HOH A O     1 
HETATM 210 O  O     . HOH E 5 . ? -0.952  9.261   9.608   1.00 34.38 ? 45 HOH A O     1 
HETATM 211 O  O     . HOH E 5 . ? -2.028  -10.779 -11.940 1.00 39.68 ? 46 HOH A O     1 
HETATM 212 O  O     . HOH E 5 . ? 4.258   8.877   -2.308  1.00 34.60 ? 47 HOH A O     1 
HETATM 213 O  O     . HOH E 5 . ? -0.638  -5.982  2.657   1.00 49.03 ? 48 HOH A O     1 
HETATM 214 O  O     . HOH E 5 . ? 5.325   8.488   6.119   1.00 36.33 ? 49 HOH A O     1 
HETATM 215 O  O     . HOH E 5 . ? -0.212  -6.159  6.841   1.00 47.27 ? 50 HOH A O     1 
HETATM 216 O  O     . HOH E 5 . ? -11.309 -5.789  -6.522  1.00 49.19 ? 51 HOH A O     1 
HETATM 217 O  O     . HOH E 5 . ? 10.010  9.450   0.473   1.00 35.29 ? 52 HOH A O     1 
HETATM 218 O  O     . HOH E 5 . ? -0.772  -8.461  1.827   1.00 38.83 ? 53 HOH A O     1 
HETATM 219 O  O     . HOH E 5 . ? -2.683  -9.165  3.374   1.00 56.90 ? 54 HOH A O     1 
HETATM 220 O  O     . HOH E 5 . ? -3.673  -8.104  -0.447  1.00 43.29 ? 55 HOH A O     1 
HETATM 221 O  O     . HOH E 5 . ? -10.805 7.182   -2.977  1.00 49.59 ? 56 HOH A O     1 
HETATM 222 O  O     . HOH E 5 . ? 2.619   11.740  4.110   1.00 42.80 ? 57 HOH A O     1 
HETATM 223 O  O     . HOH E 5 . ? 1.365   -5.407  4.264   1.00 40.67 ? 58 HOH A O     1 
HETATM 224 O  O     . HOH E 5 . ? -2.731  -14.546 -1.207  1.00 40.00 ? 59 HOH A O     1 
HETATM 225 O  O     . HOH E 5 . ? 4.022   9.817   7.809   1.00 33.90 ? 60 HOH A O     1 
HETATM 226 O  O     . HOH E 5 . ? 6.876   9.736   1.414   1.00 36.21 ? 61 HOH A O     1 
HETATM 227 O  O     . HOH E 5 . ? -1.782  12.058  -8.484  1.00 52.54 ? 62 HOH A O     1 
HETATM 228 O  O     . HOH E 5 . ? 10.076  -2.618  0.043   1.00 23.79 ? 63 HOH A O     1 
HETATM 229 O  O     . HOH E 5 . ? 0.952   -16.697 -0.115  1.00 45.43 ? 64 HOH A O     1 
HETATM 230 O  O     . HOH E 5 . ? 0.943   -12.644 2.791   1.00 53.91 ? 65 HOH A O     1 
# 
